data_4LNM
#
_entry.id   4LNM
#
_cell.length_a   77.200
_cell.length_b   101.050
_cell.length_c   176.400
_cell.angle_alpha   90.00
_cell.angle_beta   90.00
_cell.angle_gamma   90.00
#
_symmetry.space_group_name_H-M   'C 2 2 21'
#
loop_
_entity.id
_entity.type
_entity.pdbx_description
1 polymer 'Low-specificity L-threonine aldolase'
2 non-polymer N-GLYCINE-[3-HYDROXY-2-METHYL-5-PHOSPHONOOXYMETHYL-PYRIDIN-4-YL-METHANE]
3 non-polymer 'CALCIUM ION'
4 non-polymer '(5-HYDROXY-4,6-DIMETHYLPYRIDIN-3-YL)METHYL DIHYDROGEN PHOSPHATE'
5 non-polymer '4-(2-HYDROXYETHYL)-1-PIPERAZINE ETHANESULFONIC ACID'
6 water water
#
_entity_poly.entity_id   1
_entity_poly.type   'polypeptide(L)'
_entity_poly.pdbx_seq_one_letter_code
;MIDLRSDTVTRPSRAMLEAMMAAPVGDDVYGDDPTVNALQDYAAELSGKEAAIFLPTGTQANLVALLSHCERGEEYIVGQ
AAHNYLFEAGGAAVLGSIQPQPIDAAADGTLPLDKVAMKIKPDDIHFARTKLLSLENTHNGKVLPREYLKEAWEFTRKRN
LALHVDGARIFNAVVAYGCELKEITQYCDSFTICLSKGLGTPVGSLLVGNRDYIKRAIRWRKMTGGGMRQSGILAAAGMY
ALKNNVARLQEDHDNTAWMAEQLREAGADVMRQDTNMLFVRVGEENAAALGEYMKARNVLINASPIVRLVTHLDVSRAQL
AEVAAHWRAFLAR
;
_entity_poly.pdbx_strand_id   A,B
#
# COMPACT_ATOMS: atom_id res chain seq x y z
N MET A 1 19.58 -33.04 8.80
CA MET A 1 20.44 -32.56 7.69
C MET A 1 19.59 -32.38 6.42
N ILE A 2 18.29 -32.58 6.57
CA ILE A 2 17.35 -32.43 5.46
C ILE A 2 16.59 -31.11 5.66
N ASP A 3 16.94 -30.12 4.86
CA ASP A 3 16.34 -28.79 4.96
C ASP A 3 15.39 -28.52 3.82
N LEU A 4 14.13 -28.27 4.14
CA LEU A 4 13.13 -27.96 3.13
C LEU A 4 12.51 -26.61 3.43
N ARG A 5 13.15 -25.87 4.32
CA ARG A 5 12.67 -24.55 4.70
C ARG A 5 12.74 -23.60 3.51
N SER A 6 13.84 -23.68 2.76
CA SER A 6 14.03 -22.79 1.61
C SER A 6 15.24 -23.22 0.80
N ASP A 7 15.35 -22.72 -0.43
CA ASP A 7 16.49 -23.04 -1.27
C ASP A 7 17.63 -22.09 -0.97
N THR A 8 17.45 -21.25 0.05
CA THR A 8 18.46 -20.28 0.46
C THR A 8 19.50 -20.98 1.33
N VAL A 9 19.16 -22.18 1.79
CA VAL A 9 20.03 -22.95 2.65
C VAL A 9 21.11 -23.71 1.90
N THR A 10 21.05 -23.70 0.58
CA THR A 10 22.03 -24.43 -0.22
C THR A 10 23.46 -24.00 0.16
N ARG A 11 24.37 -24.98 0.24
CA ARG A 11 25.77 -24.72 0.59
C ARG A 11 26.67 -24.92 -0.62
N PRO A 12 27.82 -24.23 -0.65
CA PRO A 12 28.77 -24.34 -1.77
C PRO A 12 29.11 -25.79 -2.09
N SER A 13 29.37 -26.05 -3.35
CA SER A 13 29.75 -27.40 -3.76
C SER A 13 31.27 -27.38 -3.81
N ARG A 14 31.88 -28.56 -3.94
CA ARG A 14 33.32 -28.66 -4.01
C ARG A 14 33.82 -27.80 -5.16
N ALA A 15 33.25 -28.06 -6.34
CA ALA A 15 33.59 -27.33 -7.55
C ALA A 15 33.50 -25.81 -7.34
N MET A 16 32.37 -25.36 -6.81
CA MET A 16 32.14 -23.93 -6.55
C MET A 16 33.24 -23.35 -5.67
N LEU A 17 33.46 -23.99 -4.53
CA LEU A 17 34.48 -23.55 -3.57
C LEU A 17 35.86 -23.34 -4.19
N GLU A 18 36.31 -24.30 -4.99
CA GLU A 18 37.62 -24.19 -5.63
C GLU A 18 37.63 -23.03 -6.63
N ALA A 19 36.48 -22.77 -7.24
CA ALA A 19 36.38 -21.68 -8.20
C ALA A 19 36.47 -20.36 -7.46
N MET A 20 35.97 -20.35 -6.23
CA MET A 20 36.00 -19.16 -5.41
C MET A 20 37.40 -18.83 -4.94
N MET A 21 38.10 -19.83 -4.42
CA MET A 21 39.45 -19.62 -3.93
C MET A 21 40.42 -19.35 -5.06
N ALA A 22 40.15 -19.93 -6.22
CA ALA A 22 41.00 -19.75 -7.40
C ALA A 22 40.72 -18.47 -8.16
N ALA A 23 39.98 -17.55 -7.53
CA ALA A 23 39.61 -16.31 -8.21
C ALA A 23 40.44 -15.07 -7.91
N PRO A 24 40.66 -14.23 -8.93
CA PRO A 24 41.42 -12.98 -8.80
C PRO A 24 40.49 -11.84 -8.38
N VAL A 25 40.92 -11.04 -7.42
CA VAL A 25 40.07 -9.95 -6.92
C VAL A 25 40.69 -8.56 -7.00
N GLY A 26 39.99 -7.58 -6.46
CA GLY A 26 40.46 -6.21 -6.47
C GLY A 26 39.40 -5.35 -5.85
N ASP A 27 39.71 -4.08 -5.60
CA ASP A 27 38.73 -3.19 -4.99
C ASP A 27 37.61 -2.87 -5.97
N ASP A 28 36.46 -3.52 -5.78
CA ASP A 28 35.31 -3.29 -6.65
C ASP A 28 34.83 -1.85 -6.59
N VAL A 29 35.10 -1.16 -5.48
CA VAL A 29 34.70 0.24 -5.35
C VAL A 29 35.36 1.04 -6.46
N TYR A 30 36.52 0.57 -6.91
CA TYR A 30 37.25 1.23 -8.00
C TYR A 30 36.99 0.48 -9.31
N GLY A 31 36.18 -0.57 -9.23
CA GLY A 31 35.87 -1.38 -10.40
C GLY A 31 37.07 -2.23 -10.78
N ASP A 32 37.95 -2.45 -9.83
CA ASP A 32 39.16 -3.22 -10.09
C ASP A 32 39.04 -4.73 -9.89
N ASP A 33 37.83 -5.25 -9.76
CA ASP A 33 37.68 -6.70 -9.59
C ASP A 33 37.19 -7.35 -10.87
N PRO A 34 38.11 -8.00 -11.61
CA PRO A 34 37.90 -8.71 -12.88
C PRO A 34 36.80 -9.77 -12.82
N THR A 35 36.67 -10.42 -11.67
CA THR A 35 35.66 -11.46 -11.48
C THR A 35 34.27 -10.84 -11.32
N VAL A 36 34.18 -9.72 -10.61
CA VAL A 36 32.90 -9.05 -10.44
C VAL A 36 32.45 -8.52 -11.79
N ASN A 37 33.39 -7.93 -12.53
CA ASN A 37 33.13 -7.39 -13.86
C ASN A 37 32.70 -8.47 -14.85
N ALA A 38 33.34 -9.63 -14.78
CA ALA A 38 32.99 -10.73 -15.69
C ALA A 38 31.62 -11.27 -15.34
N LEU A 39 31.31 -11.37 -14.05
CA LEU A 39 29.98 -11.84 -13.64
C LEU A 39 28.96 -10.85 -14.19
N GLN A 40 29.15 -9.57 -13.89
CA GLN A 40 28.24 -8.53 -14.37
C GLN A 40 28.07 -8.51 -15.89
N ASP A 41 29.16 -8.71 -16.64
CA ASP A 41 29.05 -8.70 -18.10
C ASP A 41 28.36 -9.97 -18.61
N TYR A 42 28.66 -11.11 -18.00
CA TYR A 42 28.04 -12.36 -18.43
C TYR A 42 26.53 -12.27 -18.24
N ALA A 43 26.11 -11.76 -17.09
CA ALA A 43 24.68 -11.62 -16.81
C ALA A 43 24.04 -10.69 -17.81
N ALA A 44 24.67 -9.53 -18.00
CA ALA A 44 24.19 -8.52 -18.93
C ALA A 44 24.07 -9.10 -20.34
N GLU A 45 25.13 -9.72 -20.82
CA GLU A 45 25.14 -10.30 -22.16
C GLU A 45 24.09 -11.40 -22.31
N LEU A 46 23.93 -12.21 -21.26
CA LEU A 46 23.00 -13.34 -21.26
C LEU A 46 21.53 -12.97 -21.39
N SER A 47 21.16 -11.82 -20.82
CA SER A 47 19.78 -11.37 -20.84
C SER A 47 19.51 -10.28 -21.86
N GLY A 48 20.55 -9.89 -22.59
CA GLY A 48 20.39 -8.86 -23.61
C GLY A 48 20.28 -7.47 -23.04
N LYS A 49 20.97 -7.22 -21.92
CA LYS A 49 20.94 -5.90 -21.32
C LYS A 49 22.32 -5.24 -21.37
N GLU A 50 22.33 -3.92 -21.30
CA GLU A 50 23.56 -3.13 -21.35
C GLU A 50 24.45 -3.30 -20.13
N ALA A 51 23.84 -3.29 -18.94
CA ALA A 51 24.64 -3.38 -17.72
C ALA A 51 24.03 -4.17 -16.58
N ALA A 52 24.89 -4.55 -15.64
CA ALA A 52 24.48 -5.32 -14.48
C ALA A 52 25.32 -4.94 -13.27
N ILE A 53 24.72 -5.06 -12.08
CA ILE A 53 25.42 -4.74 -10.84
C ILE A 53 25.26 -5.84 -9.79
N PHE A 54 26.35 -6.15 -9.09
CA PHE A 54 26.37 -7.18 -8.06
C PHE A 54 25.98 -6.58 -6.71
N LEU A 55 25.11 -7.29 -5.97
CA LEU A 55 24.67 -6.82 -4.66
C LEU A 55 24.69 -7.92 -3.61
N PRO A 56 24.84 -7.52 -2.32
CA PRO A 56 24.87 -8.47 -1.19
C PRO A 56 23.63 -9.37 -1.11
N THR A 57 22.45 -8.79 -1.32
CA THR A 57 21.20 -9.54 -1.22
C THR A 57 20.16 -9.15 -2.26
N GLY A 58 19.11 -9.97 -2.35
CA GLY A 58 18.05 -9.68 -3.31
C GLY A 58 17.24 -8.53 -2.74
N THR A 59 17.24 -8.44 -1.41
CA THR A 59 16.50 -7.36 -0.77
C THR A 59 17.11 -6.02 -1.17
N GLN A 60 18.44 -5.92 -1.18
CA GLN A 60 19.10 -4.68 -1.56
C GLN A 60 19.01 -4.49 -3.09
N ALA A 61 18.96 -5.60 -3.81
CA ALA A 61 18.83 -5.55 -5.26
C ALA A 61 17.52 -4.82 -5.61
N ASN A 62 16.44 -5.19 -4.91
CA ASN A 62 15.12 -4.59 -5.16
C ASN A 62 14.97 -3.16 -4.67
N LEU A 63 15.42 -2.91 -3.45
CA LEU A 63 15.35 -1.58 -2.86
C LEU A 63 16.09 -0.61 -3.79
N VAL A 64 17.26 -1.04 -4.26
CA VAL A 64 18.04 -0.23 -5.16
C VAL A 64 17.30 -0.11 -6.48
N ALA A 65 16.70 -1.22 -6.94
CA ALA A 65 15.99 -1.19 -8.21
C ALA A 65 14.85 -0.20 -8.16
N LEU A 66 14.10 -0.22 -7.06
CA LEU A 66 12.97 0.69 -6.87
C LEU A 66 13.43 2.13 -6.70
N LEU A 67 14.54 2.33 -5.99
CA LEU A 67 15.07 3.69 -5.80
C LEU A 67 15.53 4.28 -7.13
N SER A 68 16.20 3.47 -7.94
CA SER A 68 16.69 3.91 -9.24
C SER A 68 15.56 4.25 -10.21
N HIS A 69 14.40 3.64 -10.01
CA HIS A 69 13.25 3.87 -10.85
C HIS A 69 12.29 4.95 -10.35
N CYS A 70 12.15 5.04 -9.03
CA CYS A 70 11.19 5.99 -8.46
C CYS A 70 11.75 7.13 -7.65
N GLU A 71 11.37 8.34 -8.01
CA GLU A 71 11.82 9.51 -7.27
C GLU A 71 10.93 9.71 -6.06
N ARG A 72 11.32 10.64 -5.21
CA ARG A 72 10.56 10.95 -4.00
C ARG A 72 9.15 11.35 -4.42
N GLY A 73 8.15 10.62 -3.92
CA GLY A 73 6.78 10.96 -4.24
C GLY A 73 6.22 10.18 -5.41
N GLU A 74 7.07 9.44 -6.12
CA GLU A 74 6.59 8.64 -7.24
C GLU A 74 6.03 7.36 -6.63
N GLU A 75 5.43 6.50 -7.45
CA GLU A 75 4.80 5.30 -6.93
C GLU A 75 4.96 4.04 -7.77
N TYR A 76 4.88 2.88 -7.12
CA TYR A 76 4.96 1.62 -7.84
C TYR A 76 3.81 0.70 -7.49
N ILE A 77 3.23 0.11 -8.53
CA ILE A 77 2.15 -0.84 -8.36
C ILE A 77 2.83 -2.19 -8.23
N VAL A 78 2.38 -2.99 -7.27
CA VAL A 78 3.01 -4.27 -7.00
C VAL A 78 1.97 -5.21 -6.39
N GLY A 79 2.34 -6.47 -6.17
CA GLY A 79 1.40 -7.41 -5.60
C GLY A 79 1.35 -7.41 -4.07
N GLN A 80 0.16 -7.46 -3.51
CA GLN A 80 0.01 -7.50 -2.06
C GLN A 80 0.97 -8.51 -1.39
N ALA A 81 1.30 -9.59 -2.11
CA ALA A 81 2.17 -10.65 -1.57
C ALA A 81 3.54 -10.74 -2.23
N ALA A 82 3.96 -9.67 -2.90
CA ALA A 82 5.26 -9.65 -3.58
C ALA A 82 6.37 -9.37 -2.56
N HIS A 83 7.54 -9.91 -2.81
CA HIS A 83 8.65 -9.73 -1.88
C HIS A 83 8.99 -8.25 -1.63
N ASN A 84 9.23 -7.49 -2.70
CA ASN A 84 9.60 -6.10 -2.54
C ASN A 84 8.51 -5.16 -2.04
N TYR A 85 7.35 -5.69 -1.62
CA TYR A 85 6.31 -4.84 -1.02
C TYR A 85 6.04 -5.35 0.39
N LEU A 86 5.91 -6.67 0.51
CA LEU A 86 5.60 -7.31 1.78
C LEU A 86 6.76 -7.90 2.59
N PHE A 87 7.75 -8.47 1.92
CA PHE A 87 8.87 -9.11 2.62
C PHE A 87 10.19 -8.34 2.72
N GLU A 88 10.12 -7.02 2.64
CA GLU A 88 11.33 -6.22 2.72
C GLU A 88 11.09 -5.02 3.64
N ALA A 89 10.36 -5.32 4.72
CA ALA A 89 9.99 -4.40 5.76
C ALA A 89 9.58 -3.02 5.29
N GLY A 90 8.99 -2.95 4.10
CA GLY A 90 8.56 -1.66 3.57
C GLY A 90 9.66 -0.67 3.25
N GLY A 91 10.86 -1.17 2.98
CA GLY A 91 12.00 -0.31 2.67
C GLY A 91 11.76 0.77 1.61
N ALA A 92 11.11 0.42 0.51
CA ALA A 92 10.86 1.38 -0.56
C ALA A 92 10.13 2.63 -0.04
N ALA A 93 9.22 2.44 0.91
CA ALA A 93 8.47 3.54 1.48
C ALA A 93 9.24 4.17 2.64
N VAL A 94 9.66 3.33 3.58
CA VAL A 94 10.39 3.75 4.78
C VAL A 94 11.70 4.49 4.49
N LEU A 95 12.57 3.86 3.71
CA LEU A 95 13.85 4.47 3.37
C LEU A 95 13.86 5.30 2.09
N GLY A 96 13.14 4.86 1.06
CA GLY A 96 13.19 5.57 -0.21
C GLY A 96 12.16 6.64 -0.51
N SER A 97 11.15 6.78 0.34
CA SER A 97 10.09 7.78 0.15
C SER A 97 9.26 7.53 -1.12
N ILE A 98 9.01 6.26 -1.41
CA ILE A 98 8.22 5.88 -2.58
C ILE A 98 6.90 5.31 -2.10
N GLN A 99 5.79 5.79 -2.67
CA GLN A 99 4.47 5.31 -2.28
C GLN A 99 4.20 3.93 -2.89
N PRO A 100 3.76 2.98 -2.06
CA PRO A 100 3.51 1.68 -2.68
C PRO A 100 2.01 1.53 -2.96
N GLN A 101 1.67 1.01 -4.14
CA GLN A 101 0.27 0.76 -4.49
C GLN A 101 0.11 -0.74 -4.79
N PRO A 102 -0.07 -1.54 -3.73
CA PRO A 102 -0.25 -2.99 -3.88
C PRO A 102 -1.67 -3.42 -4.25
N ILE A 103 -1.74 -4.52 -5.00
CA ILE A 103 -3.01 -5.10 -5.42
C ILE A 103 -2.87 -6.63 -5.42
N ASP A 104 -3.99 -7.32 -5.19
CA ASP A 104 -3.97 -8.77 -5.17
C ASP A 104 -3.62 -9.37 -6.51
N ALA A 105 -2.78 -10.39 -6.50
CA ALA A 105 -2.38 -11.06 -7.72
C ALA A 105 -3.43 -12.11 -8.03
N ALA A 106 -3.65 -12.39 -9.31
CA ALA A 106 -4.62 -13.41 -9.69
C ALA A 106 -4.01 -14.76 -9.25
N ALA A 107 -4.77 -15.83 -9.41
CA ALA A 107 -4.33 -17.17 -9.02
C ALA A 107 -3.11 -17.64 -9.78
N ASP A 108 -2.97 -17.22 -11.03
CA ASP A 108 -1.80 -17.64 -11.78
C ASP A 108 -0.56 -16.85 -11.39
N GLY A 109 -0.72 -15.91 -10.46
CA GLY A 109 0.40 -15.12 -9.98
C GLY A 109 0.67 -13.79 -10.65
N THR A 110 -0.16 -13.43 -11.62
CA THR A 110 0.01 -12.19 -12.35
C THR A 110 -0.85 -11.08 -11.74
N LEU A 111 -0.62 -9.85 -12.17
CA LEU A 111 -1.40 -8.73 -11.69
C LEU A 111 -2.32 -8.30 -12.86
N PRO A 112 -3.62 -8.62 -12.76
CA PRO A 112 -4.60 -8.28 -13.80
C PRO A 112 -4.43 -6.83 -14.27
N LEU A 113 -4.05 -6.67 -15.52
CA LEU A 113 -3.83 -5.35 -16.09
C LEU A 113 -5.03 -4.41 -15.92
N ASP A 114 -6.24 -4.95 -15.92
CA ASP A 114 -7.40 -4.10 -15.75
C ASP A 114 -7.32 -3.44 -14.36
N LYS A 115 -6.82 -4.19 -13.38
CA LYS A 115 -6.67 -3.66 -12.03
C LYS A 115 -5.52 -2.66 -12.01
N VAL A 116 -4.43 -3.01 -12.67
CA VAL A 116 -3.28 -2.10 -12.70
C VAL A 116 -3.70 -0.76 -13.30
N ALA A 117 -4.43 -0.80 -14.42
CA ALA A 117 -4.89 0.42 -15.07
C ALA A 117 -5.76 1.24 -14.11
N MET A 118 -6.67 0.57 -13.41
CA MET A 118 -7.53 1.30 -12.47
C MET A 118 -6.73 2.00 -11.36
N LYS A 119 -5.47 1.59 -11.17
CA LYS A 119 -4.63 2.17 -10.13
C LYS A 119 -3.69 3.27 -10.59
N ILE A 120 -3.62 3.49 -11.89
CA ILE A 120 -2.74 4.53 -12.40
C ILE A 120 -3.37 5.87 -12.01
N LYS A 121 -2.63 6.62 -11.21
CA LYS A 121 -3.13 7.90 -10.72
C LYS A 121 -3.12 8.98 -11.76
N PRO A 122 -4.22 9.77 -11.83
CA PRO A 122 -4.31 10.86 -12.80
C PRO A 122 -3.26 11.87 -12.36
N ASP A 123 -2.85 12.74 -13.28
CA ASP A 123 -1.86 13.75 -12.95
C ASP A 123 -2.52 14.89 -12.16
N ASP A 124 -2.84 14.60 -10.90
CA ASP A 124 -3.47 15.56 -10.01
C ASP A 124 -2.72 15.57 -8.66
N ILE A 125 -2.57 16.77 -8.09
CA ILE A 125 -1.84 16.98 -6.85
C ILE A 125 -2.37 16.15 -5.65
N HIS A 126 -3.55 15.52 -5.72
CA HIS A 126 -4.01 14.63 -4.58
C HIS A 126 -3.27 13.34 -4.62
N PHE A 127 -2.83 12.94 -5.80
CA PHE A 127 -2.24 11.58 -5.94
C PHE A 127 -0.73 11.47 -6.00
N ALA A 128 -0.24 10.25 -5.73
CA ALA A 128 1.19 9.99 -5.82
C ALA A 128 1.40 9.90 -7.33
N ARG A 129 2.62 9.68 -7.78
CA ARG A 129 2.84 9.61 -9.22
C ARG A 129 3.21 8.21 -9.65
N THR A 130 2.25 7.49 -10.25
CA THR A 130 2.49 6.13 -10.71
C THR A 130 3.65 6.15 -11.69
N LYS A 131 4.70 5.42 -11.36
CA LYS A 131 5.89 5.38 -12.18
C LYS A 131 6.23 3.99 -12.65
N LEU A 132 6.03 3.01 -11.78
CA LEU A 132 6.44 1.66 -12.07
C LEU A 132 5.50 0.52 -11.71
N LEU A 133 5.56 -0.51 -12.55
CA LEU A 133 4.81 -1.75 -12.37
C LEU A 133 5.90 -2.76 -12.07
N SER A 134 5.82 -3.32 -10.89
CA SER A 134 6.79 -4.35 -10.55
C SER A 134 6.16 -5.74 -10.55
N LEU A 135 6.82 -6.69 -11.20
CA LEU A 135 6.35 -8.06 -11.21
C LEU A 135 7.34 -8.97 -10.49
N GLU A 136 6.92 -10.19 -10.23
CA GLU A 136 7.80 -11.16 -9.60
C GLU A 136 7.71 -12.49 -10.31
N ASN A 137 8.71 -12.79 -11.13
CA ASN A 137 8.69 -14.03 -11.87
C ASN A 137 9.34 -15.14 -11.13
N THR A 138 8.77 -16.31 -11.32
CA THR A 138 8.54 -17.21 -10.23
C THR A 138 7.96 -16.51 -9.05
N HIS A 139 6.65 -16.56 -8.95
CA HIS A 139 5.95 -16.16 -7.75
C HIS A 139 5.54 -17.37 -6.93
N ASN A 140 6.17 -17.51 -5.77
CA ASN A 140 5.98 -18.68 -4.93
C ASN A 140 5.94 -19.96 -5.76
N GLY A 141 6.87 -20.07 -6.69
CA GLY A 141 6.98 -21.26 -7.52
C GLY A 141 6.20 -21.11 -8.81
N LYS A 142 5.12 -20.35 -8.78
CA LYS A 142 4.30 -20.15 -9.96
C LYS A 142 5.09 -19.48 -11.08
N VAL A 143 4.98 -20.02 -12.29
CA VAL A 143 5.63 -19.42 -13.45
C VAL A 143 4.64 -18.59 -14.25
N LEU A 144 4.88 -17.30 -14.41
CA LEU A 144 3.90 -16.45 -15.08
C LEU A 144 3.78 -16.87 -16.55
N PRO A 145 2.57 -16.74 -17.12
CA PRO A 145 2.38 -17.11 -18.53
C PRO A 145 3.19 -16.17 -19.41
N ARG A 146 3.94 -16.71 -20.37
CA ARG A 146 4.75 -15.89 -21.26
C ARG A 146 3.89 -14.87 -21.98
N GLU A 147 2.63 -15.24 -22.25
CA GLU A 147 1.69 -14.35 -22.93
C GLU A 147 1.48 -13.08 -22.11
N TYR A 148 1.30 -13.25 -20.81
CA TYR A 148 1.10 -12.12 -19.91
C TYR A 148 2.33 -11.22 -19.90
N LEU A 149 3.51 -11.83 -19.80
CA LEU A 149 4.71 -11.04 -19.77
C LEU A 149 4.71 -10.02 -20.91
N LYS A 150 4.41 -10.50 -22.11
CA LYS A 150 4.39 -9.64 -23.29
C LYS A 150 3.33 -8.56 -23.10
N GLU A 151 2.17 -8.97 -22.61
CA GLU A 151 1.06 -8.05 -22.38
C GLU A 151 1.46 -6.92 -21.43
N ALA A 152 2.08 -7.28 -20.31
CA ALA A 152 2.49 -6.32 -19.31
C ALA A 152 3.49 -5.34 -19.92
N TRP A 153 4.47 -5.86 -20.64
CA TRP A 153 5.48 -5.01 -21.28
C TRP A 153 4.80 -4.01 -22.21
N GLU A 154 3.89 -4.50 -23.06
CA GLU A 154 3.17 -3.63 -24.00
C GLU A 154 2.31 -2.63 -23.23
N PHE A 155 1.60 -3.12 -22.23
CA PHE A 155 0.74 -2.27 -21.42
C PHE A 155 1.51 -1.09 -20.84
N THR A 156 2.62 -1.37 -20.15
CA THR A 156 3.42 -0.31 -19.54
C THR A 156 3.90 0.74 -20.54
N ARG A 157 4.46 0.28 -21.66
CA ARG A 157 4.95 1.19 -22.70
C ARG A 157 3.86 2.15 -23.10
N LYS A 158 2.71 1.59 -23.45
CA LYS A 158 1.56 2.39 -23.86
C LYS A 158 1.20 3.42 -22.83
N ARG A 159 1.38 3.05 -21.56
CA ARG A 159 1.04 3.95 -20.46
C ARG A 159 2.24 4.69 -19.88
N ASN A 160 3.35 4.63 -20.61
CA ASN A 160 4.57 5.28 -20.19
C ASN A 160 4.97 4.88 -18.76
N LEU A 161 4.94 3.59 -18.48
CA LEU A 161 5.33 3.09 -17.15
C LEU A 161 6.56 2.22 -17.29
N ALA A 162 7.39 2.16 -16.26
CA ALA A 162 8.58 1.33 -16.31
C ALA A 162 8.20 -0.06 -15.76
N LEU A 163 8.91 -1.09 -16.21
CA LEU A 163 8.60 -2.42 -15.77
C LEU A 163 9.79 -3.15 -15.17
N HIS A 164 9.63 -3.58 -13.93
CA HIS A 164 10.68 -4.29 -13.24
C HIS A 164 10.20 -5.69 -12.86
N VAL A 165 11.11 -6.65 -12.94
CA VAL A 165 10.81 -8.04 -12.57
C VAL A 165 11.76 -8.52 -11.49
N ASP A 166 11.17 -9.01 -10.40
CA ASP A 166 11.94 -9.54 -9.28
C ASP A 166 12.17 -11.00 -9.67
N GLY A 167 13.35 -11.29 -10.19
CA GLY A 167 13.67 -12.64 -10.60
C GLY A 167 14.53 -13.45 -9.64
N ALA A 168 14.19 -13.38 -8.35
CA ALA A 168 14.94 -14.15 -7.39
C ALA A 168 15.06 -15.59 -7.88
N ARG A 169 14.03 -16.09 -8.58
CA ARG A 169 14.03 -17.46 -9.12
C ARG A 169 13.60 -17.48 -10.58
N ILE A 170 14.06 -16.50 -11.36
CA ILE A 170 13.72 -16.40 -12.78
C ILE A 170 14.25 -17.57 -13.61
N PHE A 171 15.36 -18.17 -13.16
CA PHE A 171 15.92 -19.32 -13.88
C PHE A 171 15.06 -20.55 -13.68
N ASN A 172 14.26 -20.57 -12.61
CA ASN A 172 13.35 -21.68 -12.37
C ASN A 172 12.27 -21.51 -13.44
N ALA A 173 11.90 -20.25 -13.70
CA ALA A 173 10.90 -19.97 -14.73
C ALA A 173 11.48 -20.32 -16.11
N VAL A 174 12.69 -19.85 -16.39
CA VAL A 174 13.35 -20.14 -17.67
C VAL A 174 13.31 -21.65 -17.96
N VAL A 175 13.84 -22.45 -17.03
CA VAL A 175 13.85 -23.90 -17.20
C VAL A 175 12.43 -24.42 -17.47
N ALA A 176 11.45 -23.88 -16.76
CA ALA A 176 10.06 -24.29 -16.95
C ALA A 176 9.54 -23.88 -18.34
N TYR A 177 10.00 -22.73 -18.83
CA TYR A 177 9.57 -22.24 -20.15
C TYR A 177 10.26 -23.04 -21.24
N GLY A 178 11.51 -23.41 -21.00
CA GLY A 178 12.26 -24.16 -21.97
C GLY A 178 12.88 -23.23 -22.98
N CYS A 179 12.91 -21.94 -22.67
CA CYS A 179 13.47 -20.97 -23.59
C CYS A 179 14.73 -20.36 -22.99
N GLU A 180 15.32 -19.40 -23.71
CA GLU A 180 16.52 -18.69 -23.25
C GLU A 180 16.10 -17.53 -22.34
N LEU A 181 16.99 -17.14 -21.43
CA LEU A 181 16.70 -16.03 -20.52
C LEU A 181 16.27 -14.76 -21.27
N LYS A 182 17.02 -14.40 -22.30
CA LYS A 182 16.73 -13.21 -23.07
C LYS A 182 15.34 -13.17 -23.70
N GLU A 183 14.75 -14.34 -23.91
CA GLU A 183 13.41 -14.41 -24.50
C GLU A 183 12.32 -13.92 -23.57
N ILE A 184 12.63 -13.84 -22.28
CA ILE A 184 11.65 -13.36 -21.33
C ILE A 184 12.12 -12.03 -20.77
N THR A 185 13.43 -11.84 -20.71
CA THR A 185 13.98 -10.60 -20.18
C THR A 185 13.67 -9.41 -21.09
N GLN A 186 13.35 -9.70 -22.34
CA GLN A 186 13.04 -8.66 -23.31
C GLN A 186 11.80 -7.85 -22.91
N TYR A 187 10.96 -8.40 -22.04
CA TYR A 187 9.75 -7.72 -21.60
C TYR A 187 9.83 -7.00 -20.26
N CYS A 188 10.98 -6.41 -19.97
CA CYS A 188 11.16 -5.65 -18.74
C CYS A 188 12.35 -4.71 -18.90
N ASP A 189 12.26 -3.51 -18.31
CA ASP A 189 13.35 -2.55 -18.39
C ASP A 189 14.47 -2.98 -17.45
N SER A 190 14.10 -3.62 -16.35
CA SER A 190 15.08 -4.08 -15.37
C SER A 190 14.57 -5.36 -14.70
N PHE A 191 15.49 -6.19 -14.24
CA PHE A 191 15.11 -7.38 -13.54
C PHE A 191 16.23 -7.75 -12.58
N THR A 192 15.90 -8.56 -11.59
CA THR A 192 16.90 -8.95 -10.61
C THR A 192 17.19 -10.44 -10.73
N ILE A 193 18.36 -10.88 -10.28
CA ILE A 193 18.75 -12.29 -10.31
C ILE A 193 19.42 -12.73 -9.00
N CYS A 194 18.77 -13.61 -8.25
CA CYS A 194 19.37 -14.10 -7.02
C CYS A 194 20.25 -15.32 -7.32
N LEU A 195 21.47 -15.29 -6.79
CA LEU A 195 22.42 -16.39 -7.01
C LEU A 195 22.50 -17.33 -5.81
N SER A 196 21.97 -16.86 -4.69
CA SER A 196 22.01 -17.60 -3.43
C SER A 196 20.86 -18.59 -3.17
N LYS A 197 19.97 -18.80 -4.13
CA LYS A 197 18.87 -19.74 -3.90
C LYS A 197 19.13 -21.05 -4.59
N GLY A 198 18.37 -21.31 -5.65
CA GLY A 198 18.52 -22.54 -6.41
C GLY A 198 19.86 -22.68 -7.09
N LEU A 199 20.45 -21.57 -7.53
CA LEU A 199 21.74 -21.61 -8.22
C LEU A 199 22.88 -22.07 -7.31
N GLY A 200 22.61 -22.08 -5.99
CA GLY A 200 23.56 -22.56 -5.01
C GLY A 200 24.74 -21.72 -4.55
N THR A 201 24.60 -20.40 -4.61
CA THR A 201 25.66 -19.50 -4.18
C THR A 201 25.46 -19.17 -2.70
N PRO A 202 26.54 -18.82 -1.98
CA PRO A 202 26.38 -18.50 -0.56
C PRO A 202 25.79 -17.10 -0.33
N VAL A 203 26.03 -16.20 -1.27
CA VAL A 203 25.54 -14.83 -1.15
C VAL A 203 25.54 -14.10 -2.49
N GLY A 204 24.63 -13.12 -2.64
CA GLY A 204 24.63 -12.34 -3.86
C GLY A 204 23.42 -12.35 -4.76
N SER A 205 23.25 -11.21 -5.45
CA SER A 205 22.16 -10.99 -6.38
C SER A 205 22.65 -10.01 -7.43
N LEU A 206 21.93 -9.95 -8.55
CA LEU A 206 22.29 -9.06 -9.62
C LEU A 206 21.08 -8.22 -10.03
N LEU A 207 21.36 -6.98 -10.43
CA LEU A 207 20.32 -6.09 -10.92
C LEU A 207 20.79 -5.79 -12.32
N VAL A 208 19.92 -6.04 -13.29
CA VAL A 208 20.25 -5.83 -14.70
C VAL A 208 19.34 -4.81 -15.37
N GLY A 209 19.93 -3.89 -16.13
CA GLY A 209 19.13 -2.89 -16.81
C GLY A 209 19.95 -2.03 -17.75
N ASN A 210 19.39 -0.88 -18.14
CA ASN A 210 20.09 0.04 -19.03
C ASN A 210 21.34 0.56 -18.33
N ARG A 211 22.24 1.13 -19.11
CA ARG A 211 23.50 1.64 -18.56
C ARG A 211 23.26 2.84 -17.65
N ASP A 212 22.36 3.73 -18.05
CA ASP A 212 22.09 4.91 -17.23
C ASP A 212 21.35 4.51 -15.96
N TYR A 213 20.42 3.58 -16.12
CA TYR A 213 19.64 3.10 -14.99
C TYR A 213 20.59 2.48 -13.97
N ILE A 214 21.46 1.60 -14.44
CA ILE A 214 22.42 0.94 -13.59
C ILE A 214 23.39 1.92 -12.96
N LYS A 215 23.67 3.01 -13.66
CA LYS A 215 24.58 4.01 -13.12
C LYS A 215 23.98 4.62 -11.85
N ARG A 216 22.66 4.82 -11.86
CA ARG A 216 21.99 5.38 -10.69
C ARG A 216 22.04 4.31 -9.60
N ALA A 217 21.78 3.08 -9.99
CA ALA A 217 21.79 1.95 -9.07
C ALA A 217 23.07 1.90 -8.25
N ILE A 218 24.19 2.28 -8.88
CA ILE A 218 25.49 2.27 -8.23
C ILE A 218 25.58 3.28 -7.07
N ARG A 219 25.01 4.47 -7.26
CA ARG A 219 25.02 5.46 -6.19
C ARG A 219 24.18 4.95 -5.02
N TRP A 220 22.99 4.48 -5.35
CA TRP A 220 22.08 3.93 -4.33
C TRP A 220 22.71 2.74 -3.62
N ARG A 221 23.33 1.83 -4.38
CA ARG A 221 23.98 0.67 -3.74
C ARG A 221 24.96 1.17 -2.68
N LYS A 222 25.76 2.17 -3.03
CA LYS A 222 26.74 2.74 -2.11
C LYS A 222 26.09 3.26 -0.84
N MET A 223 25.08 4.12 -1.02
CA MET A 223 24.38 4.71 0.11
C MET A 223 23.68 3.64 0.97
N THR A 224 23.13 2.62 0.32
CA THR A 224 22.43 1.56 1.03
C THR A 224 23.40 0.63 1.78
N GLY A 225 24.68 0.65 1.40
CA GLY A 225 25.67 -0.15 2.10
C GLY A 225 26.22 -1.38 1.40
N GLY A 226 25.96 -1.51 0.10
CA GLY A 226 26.43 -2.69 -0.63
C GLY A 226 27.69 -2.57 -1.47
N GLY A 227 28.39 -1.44 -1.37
CA GLY A 227 29.61 -1.26 -2.15
C GLY A 227 30.78 -1.98 -1.52
N MET A 228 30.86 -3.29 -1.69
CA MET A 228 31.95 -4.07 -1.11
C MET A 228 33.30 -3.91 -1.83
N ARG A 229 34.33 -4.52 -1.26
CA ARG A 229 35.69 -4.46 -1.80
C ARG A 229 36.01 -5.68 -2.69
N GLN A 230 36.66 -6.68 -2.11
CA GLN A 230 37.01 -7.87 -2.87
C GLN A 230 35.83 -8.81 -3.05
N SER A 231 34.80 -8.35 -3.75
CA SER A 231 33.61 -9.17 -3.98
C SER A 231 33.94 -10.30 -4.96
N GLY A 232 35.16 -10.26 -5.51
CA GLY A 232 35.57 -11.26 -6.48
C GLY A 232 35.32 -12.68 -6.02
N ILE A 233 35.70 -12.99 -4.78
CA ILE A 233 35.52 -14.32 -4.23
C ILE A 233 34.05 -14.72 -4.31
N LEU A 234 33.16 -13.78 -4.01
CA LEU A 234 31.72 -14.05 -4.06
C LEU A 234 31.24 -14.12 -5.50
N ALA A 235 31.74 -13.22 -6.35
CA ALA A 235 31.34 -13.21 -7.75
C ALA A 235 31.73 -14.52 -8.41
N ALA A 236 32.92 -15.04 -8.04
CA ALA A 236 33.40 -16.30 -8.59
C ALA A 236 32.32 -17.39 -8.49
N ALA A 237 31.69 -17.48 -7.31
CA ALA A 237 30.64 -18.47 -7.11
C ALA A 237 29.52 -18.28 -8.15
N GLY A 238 29.01 -17.06 -8.27
CA GLY A 238 27.95 -16.77 -9.22
C GLY A 238 28.26 -17.21 -10.64
N MET A 239 29.53 -17.09 -11.02
CA MET A 239 29.97 -17.50 -12.34
C MET A 239 29.72 -18.99 -12.50
N TYR A 240 30.34 -19.77 -11.63
CA TYR A 240 30.22 -21.21 -11.66
C TYR A 240 28.79 -21.68 -11.68
N ALA A 241 27.95 -21.06 -10.87
CA ALA A 241 26.54 -21.43 -10.76
C ALA A 241 25.75 -21.17 -12.04
N LEU A 242 25.98 -20.03 -12.67
CA LEU A 242 25.26 -19.69 -13.89
C LEU A 242 25.62 -20.55 -15.09
N LYS A 243 26.78 -21.19 -15.05
CA LYS A 243 27.23 -22.04 -16.15
C LYS A 243 27.08 -23.53 -15.86
N ASN A 244 26.93 -23.86 -14.59
CA ASN A 244 26.82 -25.26 -14.17
C ASN A 244 25.59 -25.62 -13.36
N ASN A 245 24.86 -24.63 -12.86
CA ASN A 245 23.70 -24.93 -12.02
C ASN A 245 22.32 -24.51 -12.53
N VAL A 246 22.23 -24.03 -13.76
CA VAL A 246 20.93 -23.63 -14.29
C VAL A 246 20.12 -24.86 -14.70
N ALA A 247 20.61 -25.55 -15.72
CA ALA A 247 19.92 -26.73 -16.24
C ALA A 247 19.44 -27.74 -15.19
N ARG A 248 20.26 -28.04 -14.19
CA ARG A 248 19.86 -29.02 -13.18
C ARG A 248 18.61 -28.63 -12.42
N LEU A 249 18.23 -27.36 -12.48
CA LEU A 249 17.03 -26.90 -11.79
C LEU A 249 15.83 -27.79 -12.16
N GLN A 250 15.95 -28.52 -13.27
CA GLN A 250 14.91 -29.42 -13.72
C GLN A 250 14.77 -30.54 -12.69
N GLU A 251 15.90 -30.97 -12.14
CA GLU A 251 15.91 -32.03 -11.14
C GLU A 251 15.10 -31.64 -9.90
N ASP A 252 15.20 -30.38 -9.47
CA ASP A 252 14.45 -29.93 -8.29
C ASP A 252 12.97 -29.97 -8.62
N HIS A 253 12.62 -29.50 -9.81
CA HIS A 253 11.24 -29.49 -10.28
C HIS A 253 10.62 -30.89 -10.28
N ASP A 254 11.34 -31.85 -10.83
CA ASP A 254 10.86 -33.24 -10.89
C ASP A 254 10.67 -33.79 -9.49
N ASN A 255 11.58 -33.43 -8.57
CA ASN A 255 11.51 -33.89 -7.19
C ASN A 255 10.29 -33.31 -6.50
N THR A 256 9.98 -32.06 -6.81
CA THR A 256 8.84 -31.42 -6.19
C THR A 256 7.57 -32.13 -6.62
N ALA A 257 7.43 -32.38 -7.92
CA ALA A 257 6.25 -33.08 -8.41
C ALA A 257 6.25 -34.55 -7.99
N TRP A 258 7.43 -35.09 -7.73
CA TRP A 258 7.52 -36.48 -7.29
C TRP A 258 7.01 -36.55 -5.86
N MET A 259 7.48 -35.61 -5.04
CA MET A 259 7.10 -35.53 -3.64
C MET A 259 5.62 -35.23 -3.47
N ALA A 260 5.07 -34.43 -4.38
CA ALA A 260 3.64 -34.08 -4.30
C ALA A 260 2.81 -35.37 -4.30
N GLU A 261 3.21 -36.30 -5.15
CA GLU A 261 2.52 -37.58 -5.26
C GLU A 261 2.82 -38.48 -4.06
N GLN A 262 4.02 -38.36 -3.50
CA GLN A 262 4.39 -39.17 -2.35
C GLN A 262 3.53 -38.77 -1.16
N LEU A 263 3.46 -37.47 -0.91
CA LEU A 263 2.68 -36.95 0.20
C LEU A 263 1.19 -37.17 -0.06
N ARG A 264 0.81 -37.20 -1.33
CA ARG A 264 -0.59 -37.43 -1.65
C ARG A 264 -0.92 -38.86 -1.26
N GLU A 265 -0.17 -39.81 -1.80
CA GLU A 265 -0.40 -41.22 -1.49
C GLU A 265 -0.28 -41.49 -0.01
N ALA A 266 0.55 -40.72 0.69
CA ALA A 266 0.71 -40.90 2.13
C ALA A 266 -0.64 -40.63 2.81
N GLY A 267 -1.12 -39.39 2.69
CA GLY A 267 -2.40 -39.03 3.28
C GLY A 267 -2.52 -37.52 3.46
N ALA A 268 -1.45 -36.80 3.11
CA ALA A 268 -1.40 -35.35 3.24
C ALA A 268 -2.23 -34.66 2.17
N ASP A 269 -2.66 -33.42 2.48
CA ASP A 269 -3.47 -32.67 1.53
C ASP A 269 -2.61 -31.69 0.73
N VAL A 270 -2.01 -32.17 -0.35
CA VAL A 270 -1.21 -31.32 -1.21
C VAL A 270 -2.07 -30.27 -1.91
N MET A 271 -1.77 -29.01 -1.64
CA MET A 271 -2.56 -27.93 -2.19
C MET A 271 -2.01 -27.48 -3.53
N ARG A 272 -0.72 -27.19 -3.59
CA ARG A 272 -0.17 -26.70 -4.83
C ARG A 272 1.14 -27.36 -5.18
N GLN A 273 1.54 -27.10 -6.41
CA GLN A 273 2.27 -28.04 -7.19
C GLN A 273 3.01 -27.32 -8.31
N ASP A 274 4.05 -26.59 -7.96
CA ASP A 274 4.70 -25.70 -8.90
C ASP A 274 6.22 -25.78 -8.78
N THR A 275 6.90 -25.59 -9.90
CA THR A 275 8.36 -25.67 -9.94
C THR A 275 8.91 -26.34 -8.68
N ASN A 276 9.87 -25.67 -8.04
CA ASN A 276 10.59 -26.27 -6.92
C ASN A 276 9.89 -25.97 -5.59
N MET A 277 8.61 -25.62 -5.65
CA MET A 277 7.85 -25.33 -4.44
C MET A 277 6.64 -26.25 -4.31
N LEU A 278 6.35 -26.61 -3.05
CA LEU A 278 5.22 -27.49 -2.76
C LEU A 278 4.42 -26.97 -1.56
N PHE A 279 3.11 -26.88 -1.71
CA PHE A 279 2.26 -26.41 -0.63
C PHE A 279 1.32 -27.49 -0.09
N VAL A 280 1.39 -27.73 1.21
CA VAL A 280 0.55 -28.74 1.86
C VAL A 280 -0.35 -28.06 2.91
N ARG A 281 -1.64 -28.43 2.92
CA ARG A 281 -2.59 -27.87 3.88
C ARG A 281 -2.57 -28.78 5.11
N VAL A 282 -1.84 -28.37 6.14
CA VAL A 282 -1.73 -29.18 7.35
C VAL A 282 -2.84 -29.00 8.37
N GLY A 283 -3.34 -27.77 8.50
CA GLY A 283 -4.39 -27.51 9.47
C GLY A 283 -3.73 -27.00 10.74
N GLU A 284 -4.43 -26.17 11.50
CA GLU A 284 -3.85 -25.60 12.72
C GLU A 284 -3.37 -26.57 13.80
N GLU A 285 -2.24 -26.17 14.40
CA GLU A 285 -1.52 -26.86 15.44
C GLU A 285 -1.35 -28.37 15.31
N ASN A 286 -1.68 -28.89 14.14
CA ASN A 286 -1.45 -30.31 13.87
C ASN A 286 -0.23 -30.11 12.97
N ALA A 287 0.20 -28.85 12.95
CA ALA A 287 1.34 -28.40 12.16
C ALA A 287 2.48 -27.94 13.07
N ALA A 288 2.14 -27.22 14.13
CA ALA A 288 3.15 -26.76 15.07
C ALA A 288 3.76 -27.99 15.71
N ALA A 289 3.05 -29.10 15.60
CA ALA A 289 3.51 -30.37 16.15
C ALA A 289 4.29 -31.11 15.06
N LEU A 290 3.88 -30.90 13.81
CA LEU A 290 4.56 -31.52 12.68
C LEU A 290 6.01 -31.04 12.69
N GLY A 291 6.19 -29.75 12.94
CA GLY A 291 7.52 -29.17 13.00
C GLY A 291 8.34 -29.85 14.08
N GLU A 292 7.66 -30.37 15.10
CA GLU A 292 8.33 -31.06 16.20
C GLU A 292 8.70 -32.47 15.75
N TYR A 293 7.72 -33.16 15.18
CA TYR A 293 7.89 -34.51 14.68
C TYR A 293 9.05 -34.55 13.69
N MET A 294 9.03 -33.62 12.73
CA MET A 294 10.08 -33.53 11.70
C MET A 294 11.43 -33.09 12.26
N LYS A 295 11.40 -32.05 13.09
CA LYS A 295 12.63 -31.54 13.69
C LYS A 295 13.33 -32.68 14.43
N ALA A 296 12.53 -33.52 15.08
CA ALA A 296 13.04 -34.65 15.83
C ALA A 296 13.83 -35.59 14.92
N ARG A 297 13.31 -35.83 13.72
CA ARG A 297 13.96 -36.73 12.76
C ARG A 297 15.01 -36.03 11.89
N ASN A 298 15.47 -34.86 12.32
CA ASN A 298 16.48 -34.12 11.56
C ASN A 298 15.92 -33.60 10.25
N VAL A 299 14.61 -33.34 10.23
CA VAL A 299 13.95 -32.80 9.03
C VAL A 299 13.52 -31.37 9.36
N LEU A 300 14.17 -30.40 8.74
CA LEU A 300 13.85 -29.00 8.99
C LEU A 300 12.84 -28.42 8.01
N ILE A 301 11.75 -27.91 8.56
CA ILE A 301 10.71 -27.30 7.74
C ILE A 301 10.21 -26.03 8.41
N ASN A 302 9.29 -25.34 7.76
CA ASN A 302 8.73 -24.14 8.32
C ASN A 302 7.31 -24.46 8.73
N ALA A 303 7.15 -24.95 9.95
CA ALA A 303 5.84 -25.32 10.48
C ALA A 303 4.82 -24.22 10.21
N SER A 304 3.59 -24.61 9.90
CA SER A 304 2.54 -23.65 9.62
C SER A 304 1.29 -24.41 9.18
N PRO A 305 0.11 -23.75 9.28
CA PRO A 305 -1.14 -24.40 8.86
C PRO A 305 -1.02 -24.86 7.40
N ILE A 306 -0.33 -24.04 6.61
CA ILE A 306 -0.08 -24.31 5.21
C ILE A 306 1.43 -24.36 5.07
N VAL A 307 1.99 -25.57 5.09
CA VAL A 307 3.45 -25.71 4.97
C VAL A 307 3.95 -25.50 3.55
N ARG A 308 5.11 -24.87 3.44
CA ARG A 308 5.70 -24.65 2.14
C ARG A 308 7.00 -25.47 2.06
N LEU A 309 6.99 -26.52 1.26
CA LEU A 309 8.18 -27.34 1.09
C LEU A 309 8.90 -26.83 -0.15
N VAL A 310 10.18 -26.50 0.03
CA VAL A 310 11.02 -25.98 -1.04
C VAL A 310 12.17 -26.96 -1.27
N THR A 311 12.39 -27.30 -2.54
CA THR A 311 13.46 -28.22 -2.90
C THR A 311 14.62 -27.46 -3.53
N HIS A 312 15.79 -28.10 -3.56
CA HIS A 312 16.99 -27.48 -4.11
C HIS A 312 18.04 -28.58 -4.26
N LEU A 313 19.27 -28.21 -4.59
CA LEU A 313 20.32 -29.21 -4.79
C LEU A 313 20.90 -29.86 -3.55
N ASP A 314 20.52 -29.39 -2.37
CA ASP A 314 21.02 -30.00 -1.14
C ASP A 314 19.98 -30.92 -0.51
N VAL A 315 19.09 -31.40 -1.35
CA VAL A 315 18.06 -32.33 -0.93
C VAL A 315 17.93 -33.28 -2.11
N SER A 316 17.90 -34.58 -1.85
CA SER A 316 17.80 -35.55 -2.92
C SER A 316 16.45 -36.24 -2.85
N ARG A 317 16.14 -37.04 -3.87
CA ARG A 317 14.88 -37.77 -3.90
C ARG A 317 14.89 -38.78 -2.76
N ALA A 318 16.07 -39.36 -2.50
CA ALA A 318 16.22 -40.33 -1.42
C ALA A 318 15.83 -39.69 -0.10
N GLN A 319 16.30 -38.47 0.12
CA GLN A 319 15.99 -37.75 1.35
C GLN A 319 14.51 -37.38 1.33
N LEU A 320 14.00 -37.03 0.16
CA LEU A 320 12.59 -36.67 0.02
C LEU A 320 11.72 -37.86 0.36
N ALA A 321 12.17 -39.04 -0.05
CA ALA A 321 11.44 -40.28 0.22
C ALA A 321 11.40 -40.52 1.73
N GLU A 322 12.45 -40.10 2.43
CA GLU A 322 12.52 -40.27 3.89
C GLU A 322 11.51 -39.37 4.56
N VAL A 323 11.38 -38.15 4.06
CA VAL A 323 10.45 -37.19 4.62
C VAL A 323 9.03 -37.67 4.38
N ALA A 324 8.76 -38.19 3.19
CA ALA A 324 7.44 -38.69 2.86
C ALA A 324 7.13 -39.84 3.83
N ALA A 325 8.15 -40.65 4.10
CA ALA A 325 7.98 -41.77 5.02
C ALA A 325 7.68 -41.27 6.43
N HIS A 326 8.45 -40.30 6.88
CA HIS A 326 8.27 -39.73 8.22
C HIS A 326 6.97 -38.96 8.31
N TRP A 327 6.56 -38.38 7.20
CA TRP A 327 5.33 -37.60 7.18
C TRP A 327 4.12 -38.50 7.36
N ARG A 328 4.03 -39.53 6.52
CA ARG A 328 2.93 -40.46 6.58
C ARG A 328 2.85 -41.14 7.95
N ALA A 329 4.00 -41.24 8.61
CA ALA A 329 4.06 -41.89 9.91
C ALA A 329 3.07 -41.30 10.92
N PHE A 330 3.27 -40.05 11.32
CA PHE A 330 2.39 -39.46 12.32
C PHE A 330 0.95 -39.21 11.85
N LEU A 331 0.54 -39.91 10.79
CA LEU A 331 -0.81 -39.76 10.27
C LEU A 331 -1.55 -41.10 10.34
N MET B 1 -22.36 30.13 -8.62
CA MET B 1 -23.85 30.05 -8.62
C MET B 1 -24.30 28.85 -7.80
N ILE B 2 -24.58 27.75 -8.50
CA ILE B 2 -25.01 26.52 -7.84
C ILE B 2 -23.90 25.50 -8.01
N ASP B 3 -23.07 25.37 -6.96
CA ASP B 3 -21.94 24.46 -6.95
C ASP B 3 -22.28 23.16 -6.25
N LEU B 4 -22.28 22.07 -7.00
CA LEU B 4 -22.58 20.75 -6.43
C LEU B 4 -21.37 19.85 -6.54
N ARG B 5 -20.19 20.47 -6.69
CA ARG B 5 -18.94 19.74 -6.82
C ARG B 5 -18.49 19.20 -5.46
N SER B 6 -18.46 20.06 -4.45
CA SER B 6 -18.05 19.65 -3.12
C SER B 6 -18.68 20.54 -2.05
N ASP B 7 -18.53 20.14 -0.79
CA ASP B 7 -19.04 20.95 0.30
C ASP B 7 -17.89 21.82 0.81
N THR B 8 -16.74 21.72 0.16
CA THR B 8 -15.58 22.51 0.54
C THR B 8 -15.76 23.94 0.06
N VAL B 9 -16.72 24.16 -0.84
CA VAL B 9 -16.98 25.49 -1.40
C VAL B 9 -17.83 26.42 -0.54
N THR B 10 -18.43 25.88 0.51
CA THR B 10 -19.28 26.68 1.41
C THR B 10 -18.53 27.94 1.82
N ARG B 11 -19.24 29.06 1.88
CA ARG B 11 -18.63 30.33 2.26
C ARG B 11 -19.05 30.83 3.64
N PRO B 12 -18.18 31.62 4.29
CA PRO B 12 -18.45 32.17 5.62
C PRO B 12 -19.73 32.97 5.61
N SER B 13 -20.57 32.74 6.62
CA SER B 13 -21.82 33.49 6.70
C SER B 13 -21.49 34.84 7.33
N ARG B 14 -22.41 35.79 7.22
CA ARG B 14 -22.20 37.10 7.80
C ARG B 14 -21.86 37.01 9.29
N ALA B 15 -22.67 36.24 10.02
CA ALA B 15 -22.48 36.08 11.46
C ALA B 15 -21.11 35.45 11.78
N MET B 16 -20.66 34.59 10.88
CA MET B 16 -19.39 33.92 11.04
C MET B 16 -18.24 34.90 10.86
N LEU B 17 -18.23 35.59 9.71
CA LEU B 17 -17.19 36.57 9.43
C LEU B 17 -17.06 37.58 10.57
N GLU B 18 -18.19 37.93 11.18
CA GLU B 18 -18.16 38.89 12.28
C GLU B 18 -17.41 38.29 13.47
N ALA B 19 -17.76 37.06 13.82
CA ALA B 19 -17.11 36.38 14.93
C ALA B 19 -15.62 36.26 14.67
N MET B 20 -15.26 36.24 13.39
CA MET B 20 -13.85 36.15 13.02
C MET B 20 -13.18 37.51 13.25
N MET B 21 -13.92 38.59 13.01
CA MET B 21 -13.40 39.94 13.16
C MET B 21 -13.36 40.41 14.61
N ALA B 22 -14.15 39.80 15.48
CA ALA B 22 -14.18 40.20 16.89
C ALA B 22 -13.36 39.30 17.81
N ALA B 23 -12.79 38.25 17.24
CA ALA B 23 -12.01 37.29 18.01
C ALA B 23 -10.70 37.83 18.55
N PRO B 24 -10.44 37.62 19.85
CA PRO B 24 -9.19 38.07 20.46
C PRO B 24 -8.15 37.04 20.06
N VAL B 25 -6.94 37.49 19.75
CA VAL B 25 -5.88 36.58 19.30
C VAL B 25 -4.56 36.75 20.05
N GLY B 26 -3.63 35.85 19.77
CA GLY B 26 -2.30 35.86 20.37
C GLY B 26 -1.39 34.98 19.51
N ASP B 27 -0.13 34.84 19.88
CA ASP B 27 0.75 34.00 19.07
C ASP B 27 0.50 32.54 19.45
N ASP B 28 -0.03 31.78 18.50
CA ASP B 28 -0.33 30.37 18.75
C ASP B 28 0.93 29.50 18.98
N VAL B 29 2.06 29.92 18.43
CA VAL B 29 3.29 29.18 18.61
C VAL B 29 3.65 29.19 20.10
N TYR B 30 3.42 30.33 20.74
CA TYR B 30 3.70 30.50 22.16
C TYR B 30 2.50 29.98 22.94
N GLY B 31 1.45 29.59 22.21
CA GLY B 31 0.24 29.08 22.84
C GLY B 31 -0.51 30.17 23.59
N ASP B 32 -0.48 31.40 23.07
CA ASP B 32 -1.14 32.53 23.70
C ASP B 32 -2.48 32.93 23.07
N ASP B 33 -2.79 32.38 21.90
CA ASP B 33 -4.05 32.71 21.25
C ASP B 33 -5.21 32.14 22.08
N PRO B 34 -6.09 33.02 22.59
CA PRO B 34 -7.25 32.64 23.41
C PRO B 34 -8.27 31.82 22.63
N THR B 35 -8.62 32.31 21.44
CA THR B 35 -9.60 31.66 20.60
C THR B 35 -9.17 30.24 20.17
N VAL B 36 -7.97 30.10 19.63
CA VAL B 36 -7.50 28.77 19.22
C VAL B 36 -7.63 27.82 20.40
N ASN B 37 -7.04 28.22 21.53
CA ASN B 37 -7.10 27.41 22.75
C ASN B 37 -8.55 27.06 23.07
N ALA B 38 -9.42 28.07 23.04
CA ALA B 38 -10.84 27.87 23.32
C ALA B 38 -11.43 26.79 22.39
N LEU B 39 -11.24 26.95 21.09
CA LEU B 39 -11.75 25.98 20.11
C LEU B 39 -11.23 24.57 20.39
N GLN B 40 -9.96 24.48 20.80
CA GLN B 40 -9.38 23.17 21.10
C GLN B 40 -9.94 22.52 22.37
N ASP B 41 -10.08 23.29 23.45
CA ASP B 41 -10.61 22.71 24.69
C ASP B 41 -12.06 22.26 24.49
N TYR B 42 -12.79 23.00 23.67
CA TYR B 42 -14.17 22.67 23.41
C TYR B 42 -14.28 21.34 22.65
N ALA B 43 -13.55 21.26 21.55
CA ALA B 43 -13.55 20.04 20.74
C ALA B 43 -13.19 18.82 21.59
N ALA B 44 -12.14 18.96 22.39
CA ALA B 44 -11.67 17.86 23.24
C ALA B 44 -12.71 17.41 24.26
N GLU B 45 -13.46 18.37 24.79
CA GLU B 45 -14.45 18.03 25.80
C GLU B 45 -15.73 17.46 25.22
N LEU B 46 -16.11 17.92 24.03
CA LEU B 46 -17.32 17.44 23.37
C LEU B 46 -17.12 16.00 22.92
N SER B 47 -15.87 15.65 22.61
CA SER B 47 -15.54 14.30 22.14
C SER B 47 -15.05 13.40 23.26
N GLY B 48 -14.88 13.96 24.45
CA GLY B 48 -14.43 13.17 25.57
C GLY B 48 -12.94 12.85 25.51
N LYS B 49 -12.17 13.69 24.82
CA LYS B 49 -10.72 13.49 24.72
C LYS B 49 -9.99 14.50 25.61
N GLU B 50 -8.70 14.27 25.82
CA GLU B 50 -7.91 15.16 26.68
C GLU B 50 -7.34 16.39 26.01
N ALA B 51 -6.97 16.29 24.75
CA ALA B 51 -6.39 17.43 24.04
C ALA B 51 -6.85 17.52 22.59
N ALA B 52 -6.62 18.70 22.01
CA ALA B 52 -6.99 18.95 20.63
C ALA B 52 -5.97 19.92 20.04
N ILE B 53 -5.89 19.94 18.70
CA ILE B 53 -4.97 20.80 17.96
C ILE B 53 -5.63 21.27 16.66
N PHE B 54 -5.46 22.55 16.33
CA PHE B 54 -6.03 23.14 15.12
C PHE B 54 -4.96 23.08 14.04
N LEU B 55 -5.36 22.75 12.81
CA LEU B 55 -4.41 22.66 11.70
C LEU B 55 -4.94 23.40 10.48
N PRO B 56 -4.06 23.73 9.53
CA PRO B 56 -4.45 24.45 8.30
C PRO B 56 -5.45 23.68 7.44
N THR B 57 -5.16 22.40 7.21
CA THR B 57 -6.03 21.53 6.40
C THR B 57 -6.22 20.17 7.09
N GLY B 58 -7.18 19.41 6.55
CA GLY B 58 -7.45 18.09 7.09
C GLY B 58 -6.35 17.15 6.61
N THR B 59 -5.71 17.54 5.53
CA THR B 59 -4.63 16.73 4.97
C THR B 59 -3.45 16.76 5.92
N GLN B 60 -3.21 17.91 6.54
CA GLN B 60 -2.10 18.00 7.46
C GLN B 60 -2.50 17.33 8.78
N ALA B 61 -3.79 17.41 9.10
CA ALA B 61 -4.30 16.79 10.30
C ALA B 61 -3.99 15.29 10.27
N ASN B 62 -4.26 14.67 9.13
CA ASN B 62 -4.02 13.24 8.97
C ASN B 62 -2.53 12.90 8.87
N LEU B 63 -1.76 13.75 8.18
CA LEU B 63 -0.32 13.51 8.05
C LEU B 63 0.27 13.56 9.45
N VAL B 64 -0.09 14.58 10.21
CA VAL B 64 0.38 14.70 11.59
C VAL B 64 -0.11 13.53 12.44
N ALA B 65 -1.36 13.12 12.24
CA ALA B 65 -1.93 12.02 13.01
C ALA B 65 -1.13 10.74 12.79
N LEU B 66 -0.77 10.49 11.53
CA LEU B 66 -0.02 9.31 11.16
C LEU B 66 1.41 9.34 11.70
N LEU B 67 2.03 10.52 11.63
CA LEU B 67 3.41 10.66 12.14
C LEU B 67 3.44 10.49 13.66
N SER B 68 2.40 10.99 14.32
CA SER B 68 2.30 10.88 15.76
C SER B 68 2.09 9.43 16.22
N HIS B 69 1.34 8.66 15.43
CA HIS B 69 1.09 7.26 15.77
C HIS B 69 2.19 6.30 15.29
N CYS B 70 2.73 6.57 14.11
CA CYS B 70 3.72 5.67 13.56
C CYS B 70 5.12 6.20 13.39
N GLU B 71 6.08 5.49 13.97
CA GLU B 71 7.49 5.86 13.87
C GLU B 71 8.02 5.27 12.57
N ARG B 72 9.21 5.72 12.17
CA ARG B 72 9.85 5.22 10.97
C ARG B 72 9.79 3.70 10.95
N GLY B 73 9.25 3.13 9.87
CA GLY B 73 9.19 1.68 9.79
C GLY B 73 7.89 1.00 10.22
N GLU B 74 7.03 1.69 10.95
CA GLU B 74 5.79 1.10 11.36
C GLU B 74 4.80 1.22 10.17
N GLU B 75 3.66 0.65 10.29
CA GLU B 75 2.60 0.74 9.21
C GLU B 75 1.24 1.00 9.76
N TYR B 76 0.33 1.34 8.83
CA TYR B 76 -1.05 1.58 9.18
C TYR B 76 -1.88 0.88 8.14
N ILE B 77 -2.85 0.14 8.63
CA ILE B 77 -3.77 -0.56 7.75
C ILE B 77 -4.90 0.45 7.46
N VAL B 78 -5.23 0.60 6.19
CA VAL B 78 -6.23 1.58 5.80
C VAL B 78 -6.92 1.14 4.51
N GLY B 79 -7.84 1.98 4.04
CA GLY B 79 -8.59 1.67 2.82
C GLY B 79 -7.94 2.12 1.51
N GLN B 80 -8.09 1.29 0.48
CA GLN B 80 -7.55 1.56 -0.84
C GLN B 80 -8.08 2.88 -1.41
N ALA B 81 -9.27 3.28 -0.95
CA ALA B 81 -9.90 4.52 -1.42
C ALA B 81 -10.01 5.56 -0.32
N ALA B 82 -9.31 5.31 0.80
CA ALA B 82 -9.35 6.22 1.93
C ALA B 82 -8.54 7.50 1.66
N HIS B 83 -9.00 8.64 2.20
CA HIS B 83 -8.27 9.88 1.97
C HIS B 83 -6.80 9.90 2.39
N ASN B 84 -6.49 9.52 3.62
CA ASN B 84 -5.09 9.53 4.04
C ASN B 84 -4.22 8.41 3.47
N TYR B 85 -4.70 7.78 2.41
CA TYR B 85 -3.89 6.78 1.71
C TYR B 85 -3.88 7.16 0.23
N LEU B 86 -5.04 7.44 -0.32
CA LEU B 86 -5.17 7.79 -1.72
C LEU B 86 -5.10 9.26 -2.12
N PHE B 87 -5.78 10.12 -1.37
CA PHE B 87 -5.85 11.54 -1.71
C PHE B 87 -4.89 12.51 -1.02
N GLU B 88 -3.85 12.01 -0.39
CA GLU B 88 -2.90 12.88 0.28
C GLU B 88 -1.49 12.71 -0.29
N ALA B 89 -1.45 12.48 -1.60
CA ALA B 89 -0.22 12.29 -2.36
C ALA B 89 0.81 11.31 -1.79
N GLY B 90 0.34 10.35 -0.99
CA GLY B 90 1.25 9.37 -0.42
C GLY B 90 2.15 9.89 0.70
N GLY B 91 1.76 11.03 1.28
CA GLY B 91 2.52 11.65 2.35
C GLY B 91 3.00 10.80 3.52
N ALA B 92 2.16 9.92 4.05
CA ALA B 92 2.59 9.10 5.17
C ALA B 92 3.84 8.31 4.82
N ALA B 93 3.96 7.91 3.56
CA ALA B 93 5.12 7.15 3.11
C ALA B 93 6.25 8.08 2.67
N VAL B 94 5.93 8.97 1.74
CA VAL B 94 6.90 9.89 1.18
C VAL B 94 7.62 10.77 2.19
N LEU B 95 6.86 11.40 3.08
CA LEU B 95 7.46 12.27 4.08
C LEU B 95 7.66 11.60 5.43
N GLY B 96 6.71 10.76 5.83
CA GLY B 96 6.77 10.11 7.14
C GLY B 96 7.47 8.77 7.30
N SER B 97 7.96 8.19 6.20
CA SER B 97 8.63 6.89 6.26
C SER B 97 7.75 5.83 6.95
N ILE B 98 6.45 5.89 6.68
CA ILE B 98 5.53 4.91 7.23
C ILE B 98 5.05 4.00 6.11
N GLN B 99 5.02 2.70 6.37
CA GLN B 99 4.55 1.74 5.37
C GLN B 99 3.03 1.68 5.32
N PRO B 100 2.44 1.91 4.13
CA PRO B 100 0.98 1.85 4.07
C PRO B 100 0.52 0.44 3.66
N GLN B 101 -0.58 -0.01 4.25
CA GLN B 101 -1.13 -1.33 3.94
C GLN B 101 -2.63 -1.18 3.63
N PRO B 102 -2.98 -0.92 2.36
CA PRO B 102 -4.38 -0.77 2.02
C PRO B 102 -5.15 -2.04 1.67
N ILE B 103 -6.46 -1.99 1.89
CA ILE B 103 -7.36 -3.10 1.58
C ILE B 103 -8.69 -2.52 1.14
N ASP B 104 -9.38 -3.23 0.26
CA ASP B 104 -10.68 -2.81 -0.23
C ASP B 104 -11.65 -2.77 0.94
N ALA B 105 -12.44 -1.70 1.01
CA ALA B 105 -13.45 -1.55 2.05
C ALA B 105 -14.66 -2.35 1.62
N ALA B 106 -15.47 -2.78 2.58
CA ALA B 106 -16.67 -3.52 2.25
C ALA B 106 -17.62 -2.52 1.60
N ALA B 107 -18.69 -3.01 1.00
CA ALA B 107 -19.67 -2.17 0.33
C ALA B 107 -20.20 -1.07 1.25
N ASP B 108 -20.30 -1.39 2.53
CA ASP B 108 -20.83 -0.43 3.51
C ASP B 108 -19.82 0.61 4.00
N GLY B 109 -18.58 0.53 3.51
CA GLY B 109 -17.59 1.51 3.93
C GLY B 109 -16.67 1.12 5.05
N THR B 110 -16.92 -0.03 5.67
CA THR B 110 -16.07 -0.52 6.76
C THR B 110 -14.93 -1.35 6.19
N LEU B 111 -13.95 -1.66 7.03
CA LEU B 111 -12.82 -2.49 6.61
C LEU B 111 -13.01 -3.84 7.30
N PRO B 112 -13.38 -4.88 6.55
CA PRO B 112 -13.58 -6.19 7.17
C PRO B 112 -12.44 -6.55 8.14
N LEU B 113 -12.79 -6.73 9.42
CA LEU B 113 -11.82 -7.05 10.45
C LEU B 113 -11.10 -8.36 10.18
N ASP B 114 -11.79 -9.30 9.53
CA ASP B 114 -11.16 -10.57 9.22
C ASP B 114 -10.04 -10.28 8.22
N LYS B 115 -10.24 -9.31 7.34
CA LYS B 115 -9.19 -8.98 6.38
C LYS B 115 -8.14 -8.10 7.06
N VAL B 116 -8.57 -7.30 8.01
CA VAL B 116 -7.61 -6.47 8.70
C VAL B 116 -6.68 -7.42 9.41
N ALA B 117 -7.26 -8.41 10.08
CA ALA B 117 -6.48 -9.40 10.82
C ALA B 117 -5.43 -10.13 9.96
N MET B 118 -5.77 -10.45 8.72
CA MET B 118 -4.83 -11.13 7.84
C MET B 118 -3.64 -10.25 7.44
N LYS B 119 -3.81 -8.93 7.53
CA LYS B 119 -2.77 -7.97 7.18
C LYS B 119 -1.85 -7.61 8.35
N ILE B 120 -2.21 -8.04 9.57
CA ILE B 120 -1.37 -7.76 10.73
C ILE B 120 -0.08 -8.59 10.64
N LYS B 121 1.03 -7.89 10.48
CA LYS B 121 2.33 -8.53 10.30
C LYS B 121 2.90 -9.21 11.53
N PRO B 122 3.41 -10.46 11.35
CA PRO B 122 3.99 -11.19 12.47
C PRO B 122 5.24 -10.42 12.84
N ASP B 123 5.64 -10.49 14.10
CA ASP B 123 6.84 -9.78 14.56
C ASP B 123 8.08 -10.46 14.01
N ASP B 124 8.37 -10.20 12.74
CA ASP B 124 9.52 -10.79 12.06
C ASP B 124 10.20 -9.69 11.24
N ILE B 125 11.53 -9.71 11.18
CA ILE B 125 12.27 -8.68 10.46
C ILE B 125 11.99 -8.58 8.97
N HIS B 126 11.09 -9.41 8.43
CA HIS B 126 10.77 -9.28 7.02
C HIS B 126 9.70 -8.20 6.84
N PHE B 127 8.89 -8.00 7.87
CA PHE B 127 7.76 -7.10 7.75
C PHE B 127 7.84 -5.74 8.43
N ALA B 128 7.04 -4.83 7.92
CA ALA B 128 6.94 -3.51 8.51
C ALA B 128 6.29 -3.87 9.84
N ARG B 129 6.21 -2.91 10.74
CA ARG B 129 5.60 -3.21 12.03
C ARG B 129 4.23 -2.57 12.15
N THR B 130 3.20 -3.39 11.96
CA THR B 130 1.81 -2.94 12.05
C THR B 130 1.64 -2.19 13.35
N LYS B 131 0.98 -1.04 13.29
CA LYS B 131 0.79 -0.24 14.48
C LYS B 131 -0.56 0.44 14.59
N LEU B 132 -1.10 0.86 13.45
CA LEU B 132 -2.35 1.59 13.41
C LEU B 132 -3.35 1.05 12.39
N LEU B 133 -4.62 1.37 12.65
CA LEU B 133 -5.73 1.00 11.78
C LEU B 133 -6.46 2.32 11.62
N SER B 134 -6.55 2.79 10.40
CA SER B 134 -7.19 4.07 10.13
C SER B 134 -8.53 3.87 9.42
N LEU B 135 -9.57 4.51 9.99
CA LEU B 135 -10.87 4.46 9.33
C LEU B 135 -11.27 5.83 8.80
N GLU B 136 -12.40 5.86 8.11
CA GLU B 136 -12.93 7.09 7.53
C GLU B 136 -14.45 7.12 7.63
N ASN B 137 -14.97 7.91 8.57
CA ASN B 137 -16.39 7.85 8.85
C ASN B 137 -17.15 8.94 8.18
N THR B 138 -18.26 8.56 7.60
CA THR B 138 -18.65 9.11 6.34
C THR B 138 -17.59 8.85 5.31
N HIS B 139 -17.64 7.70 4.72
CA HIS B 139 -16.71 7.40 3.69
C HIS B 139 -17.37 7.54 2.34
N ASN B 140 -17.16 8.68 1.69
CA ASN B 140 -17.86 8.98 0.46
C ASN B 140 -19.36 9.16 0.72
N GLY B 141 -19.67 9.76 1.87
CA GLY B 141 -21.04 9.97 2.29
C GLY B 141 -21.52 8.85 3.20
N LYS B 142 -20.92 7.67 3.06
CA LYS B 142 -21.37 6.49 3.80
C LYS B 142 -21.15 6.64 5.31
N VAL B 143 -22.22 6.44 6.08
CA VAL B 143 -22.13 6.45 7.53
C VAL B 143 -21.82 5.05 8.07
N LEU B 144 -20.67 4.87 8.69
CA LEU B 144 -20.26 3.56 9.17
C LEU B 144 -21.19 3.00 10.26
N PRO B 145 -21.48 1.70 10.19
CA PRO B 145 -22.34 1.07 11.20
C PRO B 145 -21.75 1.28 12.60
N ARG B 146 -22.60 1.56 13.59
CA ARG B 146 -22.11 1.77 14.94
C ARG B 146 -21.63 0.47 15.59
N GLU B 147 -22.23 -0.65 15.22
CA GLU B 147 -21.80 -1.91 15.79
C GLU B 147 -20.39 -2.18 15.28
N TYR B 148 -20.13 -1.81 14.04
CA TYR B 148 -18.80 -2.01 13.47
C TYR B 148 -17.76 -1.16 14.20
N LEU B 149 -18.11 0.10 14.45
CA LEU B 149 -17.22 1.03 15.12
C LEU B 149 -16.79 0.48 16.47
N LYS B 150 -17.75 -0.13 17.19
CA LYS B 150 -17.47 -0.72 18.48
C LYS B 150 -16.57 -1.92 18.30
N GLU B 151 -16.87 -2.72 17.28
CA GLU B 151 -16.07 -3.91 17.01
C GLU B 151 -14.63 -3.59 16.63
N ALA B 152 -14.44 -2.58 15.78
CA ALA B 152 -13.09 -2.23 15.39
C ALA B 152 -12.33 -1.82 16.65
N TRP B 153 -13.03 -1.11 17.53
CA TRP B 153 -12.46 -0.65 18.78
C TRP B 153 -11.92 -1.82 19.61
N GLU B 154 -12.77 -2.82 19.87
CA GLU B 154 -12.36 -3.97 20.67
C GLU B 154 -11.22 -4.73 20.00
N PHE B 155 -11.37 -4.95 18.70
CA PHE B 155 -10.39 -5.68 17.94
C PHE B 155 -8.99 -5.10 18.08
N THR B 156 -8.87 -3.78 17.90
CA THR B 156 -7.56 -3.13 18.02
C THR B 156 -6.99 -3.23 19.44
N ARG B 157 -7.85 -3.24 20.44
CA ARG B 157 -7.37 -3.38 21.80
C ARG B 157 -6.84 -4.78 21.98
N LYS B 158 -7.52 -5.76 21.38
CA LYS B 158 -7.07 -7.16 21.48
C LYS B 158 -5.75 -7.36 20.76
N ARG B 159 -5.50 -6.56 19.73
CA ARG B 159 -4.25 -6.69 18.97
C ARG B 159 -3.25 -5.62 19.34
N ASN B 160 -3.61 -4.80 20.31
CA ASN B 160 -2.74 -3.72 20.77
C ASN B 160 -2.34 -2.83 19.59
N LEU B 161 -3.36 -2.35 18.87
CA LEU B 161 -3.20 -1.46 17.72
C LEU B 161 -3.99 -0.20 17.99
N ALA B 162 -3.46 0.92 17.53
CA ALA B 162 -4.15 2.19 17.70
C ALA B 162 -5.30 2.25 16.70
N LEU B 163 -6.26 3.12 16.95
CA LEU B 163 -7.39 3.26 16.05
C LEU B 163 -7.63 4.73 15.84
N HIS B 164 -7.44 5.16 14.59
CA HIS B 164 -7.63 6.55 14.20
C HIS B 164 -8.81 6.62 13.22
N VAL B 165 -9.55 7.72 13.29
CA VAL B 165 -10.69 7.91 12.42
C VAL B 165 -10.61 9.25 11.70
N ASP B 166 -10.58 9.22 10.37
CA ASP B 166 -10.54 10.46 9.63
C ASP B 166 -11.96 11.00 9.59
N GLY B 167 -12.24 11.97 10.44
CA GLY B 167 -13.59 12.53 10.50
C GLY B 167 -13.81 13.84 9.77
N ALA B 168 -13.31 13.94 8.54
CA ALA B 168 -13.51 15.16 7.77
C ALA B 168 -15.01 15.49 7.80
N ARG B 169 -15.85 14.46 7.72
CA ARG B 169 -17.30 14.68 7.77
C ARG B 169 -17.91 13.85 8.90
N ILE B 170 -17.33 13.95 10.09
CA ILE B 170 -17.81 13.17 11.23
C ILE B 170 -19.16 13.65 11.76
N PHE B 171 -19.37 14.96 11.83
CA PHE B 171 -20.65 15.46 12.31
C PHE B 171 -21.79 15.07 11.38
N ASN B 172 -21.47 14.72 10.13
CA ASN B 172 -22.49 14.28 9.20
C ASN B 172 -22.99 12.89 9.68
N ALA B 173 -22.04 12.04 10.07
CA ALA B 173 -22.38 10.71 10.58
C ALA B 173 -23.15 10.91 11.88
N VAL B 174 -22.63 11.81 12.73
CA VAL B 174 -23.24 12.13 14.01
C VAL B 174 -24.71 12.54 13.90
N VAL B 175 -25.00 13.53 13.07
CA VAL B 175 -26.39 13.96 12.90
C VAL B 175 -27.22 12.77 12.44
N ALA B 176 -26.62 11.92 11.63
CA ALA B 176 -27.27 10.72 11.09
C ALA B 176 -27.51 9.65 12.15
N TYR B 177 -26.55 9.44 13.04
CA TYR B 177 -26.73 8.45 14.08
C TYR B 177 -27.81 8.91 15.04
N GLY B 178 -27.86 10.21 15.28
CA GLY B 178 -28.83 10.77 16.19
C GLY B 178 -28.31 10.76 17.61
N CYS B 179 -27.00 10.49 17.76
CA CYS B 179 -26.37 10.44 19.08
C CYS B 179 -25.38 11.60 19.28
N GLU B 180 -24.68 11.60 20.42
CA GLU B 180 -23.67 12.62 20.70
C GLU B 180 -22.35 12.17 20.07
N LEU B 181 -21.52 13.13 19.71
CA LEU B 181 -20.21 12.85 19.10
C LEU B 181 -19.38 11.91 19.98
N LYS B 182 -19.45 12.15 21.29
CA LYS B 182 -18.71 11.36 22.27
C LYS B 182 -18.95 9.87 22.14
N GLU B 183 -20.22 9.52 21.95
CA GLU B 183 -20.60 8.12 21.83
C GLU B 183 -19.87 7.39 20.70
N ILE B 184 -19.48 8.11 19.65
CA ILE B 184 -18.76 7.47 18.57
C ILE B 184 -17.24 7.67 18.69
N THR B 185 -16.81 8.78 19.25
CA THR B 185 -15.36 9.03 19.40
C THR B 185 -14.74 8.21 20.52
N GLN B 186 -15.59 7.62 21.37
CA GLN B 186 -15.10 6.79 22.47
C GLN B 186 -14.49 5.51 21.88
N TYR B 187 -14.77 5.27 20.59
CA TYR B 187 -14.30 4.08 19.88
C TYR B 187 -13.04 4.30 19.05
N CYS B 188 -12.28 5.33 19.38
CA CYS B 188 -11.06 5.61 18.65
C CYS B 188 -10.07 6.26 19.60
N ASP B 189 -8.79 6.20 19.26
CA ASP B 189 -7.76 6.81 20.09
C ASP B 189 -7.56 8.24 19.63
N SER B 190 -7.84 8.50 18.35
CA SER B 190 -7.71 9.83 17.78
C SER B 190 -8.56 9.99 16.53
N PHE B 191 -8.96 11.23 16.26
CA PHE B 191 -9.75 11.51 15.08
C PHE B 191 -9.57 12.97 14.69
N THR B 192 -9.92 13.26 13.45
CA THR B 192 -9.82 14.60 12.93
C THR B 192 -11.22 15.11 12.77
N ILE B 193 -11.34 16.42 12.57
CA ILE B 193 -12.60 17.12 12.36
C ILE B 193 -12.33 18.23 11.36
N CYS B 194 -13.01 18.21 10.22
CA CYS B 194 -12.84 19.29 9.26
C CYS B 194 -13.93 20.32 9.52
N LEU B 195 -13.56 21.60 9.42
CA LEU B 195 -14.49 22.69 9.68
C LEU B 195 -14.86 23.42 8.39
N SER B 196 -14.05 23.20 7.36
CA SER B 196 -14.28 23.84 6.09
C SER B 196 -15.16 23.04 5.11
N LYS B 197 -15.98 22.09 5.57
CA LYS B 197 -16.90 21.52 4.57
C LYS B 197 -18.35 21.83 4.97
N GLY B 198 -19.14 20.83 5.38
CA GLY B 198 -20.53 21.09 5.74
C GLY B 198 -20.66 22.11 6.83
N LEU B 199 -19.72 22.07 7.76
CA LEU B 199 -19.72 22.99 8.89
C LEU B 199 -19.48 24.43 8.46
N GLY B 200 -19.03 24.61 7.22
CA GLY B 200 -18.82 25.92 6.64
C GLY B 200 -17.80 26.96 7.07
N THR B 201 -16.58 26.59 7.47
CA THR B 201 -15.61 27.62 7.81
C THR B 201 -14.72 27.81 6.59
N PRO B 202 -14.00 28.96 6.51
CA PRO B 202 -13.12 29.23 5.37
C PRO B 202 -11.95 28.27 5.25
N VAL B 203 -11.36 27.93 6.39
CA VAL B 203 -10.20 27.06 6.47
C VAL B 203 -10.18 26.42 7.85
N GLY B 204 -9.45 25.31 8.00
CA GLY B 204 -9.35 24.71 9.32
C GLY B 204 -9.76 23.27 9.55
N SER B 205 -9.02 22.62 10.44
CA SER B 205 -9.27 21.22 10.79
C SER B 205 -8.75 20.99 12.21
N LEU B 206 -9.16 19.89 12.83
CA LEU B 206 -8.72 19.57 14.20
C LEU B 206 -8.30 18.13 14.37
N LEU B 207 -7.26 17.90 15.15
CA LEU B 207 -6.81 16.55 15.44
C LEU B 207 -7.00 16.46 16.95
N VAL B 208 -7.72 15.43 17.40
CA VAL B 208 -8.01 15.27 18.81
C VAL B 208 -7.55 13.92 19.37
N GLY B 209 -7.13 13.91 20.62
CA GLY B 209 -6.66 12.67 21.23
C GLY B 209 -6.06 12.82 22.62
N ASN B 210 -5.24 11.84 22.99
CA ASN B 210 -4.58 11.82 24.29
C ASN B 210 -3.58 12.96 24.41
N ARG B 211 -3.40 13.46 25.63
CA ARG B 211 -2.49 14.57 25.91
C ARG B 211 -1.10 14.35 25.35
N ASP B 212 -0.48 13.23 25.66
CA ASP B 212 0.86 12.92 25.17
C ASP B 212 0.82 12.84 23.64
N TYR B 213 -0.21 12.17 23.13
CA TYR B 213 -0.38 12.03 21.69
C TYR B 213 -0.38 13.41 21.03
N ILE B 214 -1.26 14.30 21.49
CA ILE B 214 -1.34 15.64 20.92
C ILE B 214 -0.03 16.39 21.09
N LYS B 215 0.69 16.13 22.18
CA LYS B 215 1.96 16.81 22.41
C LYS B 215 2.92 16.55 21.25
N ARG B 216 3.03 15.28 20.87
CA ARG B 216 3.90 14.90 19.76
C ARG B 216 3.37 15.51 18.46
N ALA B 217 2.05 15.58 18.34
CA ALA B 217 1.43 16.13 17.15
C ALA B 217 1.93 17.56 16.90
N ILE B 218 2.14 18.30 17.99
CA ILE B 218 2.59 19.67 17.91
C ILE B 218 3.94 19.78 17.23
N ARG B 219 4.85 18.88 17.60
CA ARG B 219 6.17 18.89 16.99
C ARG B 219 6.09 18.65 15.48
N TRP B 220 5.18 17.77 15.07
CA TRP B 220 5.02 17.45 13.66
C TRP B 220 4.33 18.59 12.90
N ARG B 221 3.40 19.25 13.57
CA ARG B 221 2.69 20.36 12.97
C ARG B 221 3.70 21.45 12.64
N LYS B 222 4.67 21.65 13.53
CA LYS B 222 5.65 22.68 13.29
C LYS B 222 6.51 22.30 12.09
N MET B 223 7.05 21.07 12.12
CA MET B 223 7.89 20.59 11.05
C MET B 223 7.19 20.68 9.70
N THR B 224 5.96 20.18 9.63
CA THR B 224 5.19 20.22 8.39
C THR B 224 4.79 21.65 7.96
N GLY B 225 4.85 22.60 8.90
CA GLY B 225 4.50 23.96 8.55
C GLY B 225 3.10 24.39 8.92
N GLY B 226 2.51 23.75 9.93
CA GLY B 226 1.17 24.11 10.35
C GLY B 226 1.11 24.98 11.59
N GLY B 227 2.27 25.36 12.12
CA GLY B 227 2.30 26.19 13.31
C GLY B 227 2.10 27.67 13.02
N MET B 228 0.85 28.09 12.97
CA MET B 228 0.57 29.49 12.69
C MET B 228 0.63 30.40 13.92
N ARG B 229 0.57 31.70 13.65
CA ARG B 229 0.63 32.75 14.65
C ARG B 229 -0.75 33.09 15.20
N GLN B 230 -1.29 34.24 14.79
CA GLN B 230 -2.61 34.68 15.23
C GLN B 230 -3.74 33.97 14.50
N SER B 231 -3.66 32.63 14.49
CA SER B 231 -4.67 31.81 13.84
C SER B 231 -6.00 31.78 14.60
N GLY B 232 -6.12 32.62 15.63
CA GLY B 232 -7.34 32.66 16.41
C GLY B 232 -8.49 33.20 15.59
N ILE B 233 -8.15 33.95 14.54
CA ILE B 233 -9.14 34.53 13.65
C ILE B 233 -9.86 33.41 12.89
N LEU B 234 -9.14 32.31 12.65
CA LEU B 234 -9.69 31.18 11.93
C LEU B 234 -10.41 30.23 12.87
N ALA B 235 -9.80 29.97 14.02
CA ALA B 235 -10.38 29.09 15.01
C ALA B 235 -11.73 29.65 15.45
N ALA B 236 -11.87 30.96 15.35
CA ALA B 236 -13.12 31.63 15.73
C ALA B 236 -14.27 31.13 14.85
N ALA B 237 -14.02 31.02 13.55
CA ALA B 237 -15.04 30.53 12.63
C ALA B 237 -15.45 29.11 13.05
N GLY B 238 -14.46 28.31 13.46
CA GLY B 238 -14.74 26.95 13.88
C GLY B 238 -15.71 26.89 15.05
N MET B 239 -15.48 27.73 16.06
CA MET B 239 -16.33 27.76 17.24
C MET B 239 -17.75 28.12 16.87
N TYR B 240 -17.90 29.18 16.10
CA TYR B 240 -19.22 29.60 15.65
C TYR B 240 -19.85 28.46 14.86
N ALA B 241 -19.02 27.70 14.14
CA ALA B 241 -19.54 26.61 13.32
C ALA B 241 -20.06 25.41 14.12
N LEU B 242 -19.34 25.03 15.18
CA LEU B 242 -19.72 23.89 16.02
C LEU B 242 -20.89 24.20 16.96
N LYS B 243 -21.23 25.47 17.08
CA LYS B 243 -22.33 25.88 17.94
C LYS B 243 -23.55 26.33 17.16
N ASN B 244 -23.44 26.41 15.84
CA ASN B 244 -24.56 26.86 15.02
C ASN B 244 -24.80 26.11 13.71
N ASN B 245 -23.79 25.40 13.23
CA ASN B 245 -23.94 24.71 11.95
C ASN B 245 -23.99 23.19 11.95
N VAL B 246 -24.14 22.58 13.12
CA VAL B 246 -24.19 21.12 13.20
C VAL B 246 -25.58 20.55 12.94
N ALA B 247 -26.56 21.02 13.70
CA ALA B 247 -27.93 20.55 13.55
C ALA B 247 -28.46 20.68 12.12
N ARG B 248 -28.25 21.84 11.51
CA ARG B 248 -28.73 22.08 10.16
C ARG B 248 -28.19 21.16 9.08
N LEU B 249 -27.23 20.28 9.40
CA LEU B 249 -26.69 19.36 8.39
C LEU B 249 -27.80 18.40 7.97
N GLN B 250 -28.80 18.26 8.82
CA GLN B 250 -29.93 17.41 8.52
C GLN B 250 -30.67 17.99 7.32
N GLU B 251 -30.49 19.29 7.08
CA GLU B 251 -31.12 19.94 5.94
C GLU B 251 -30.41 19.54 4.66
N ASP B 252 -29.10 19.36 4.72
CA ASP B 252 -28.37 18.95 3.52
C ASP B 252 -28.80 17.52 3.22
N HIS B 253 -28.89 16.70 4.25
CA HIS B 253 -29.28 15.32 4.07
C HIS B 253 -30.66 15.22 3.43
N ASP B 254 -31.64 15.92 4.00
CA ASP B 254 -32.99 15.88 3.45
C ASP B 254 -33.02 16.32 1.99
N ASN B 255 -32.26 17.36 1.67
CA ASN B 255 -32.21 17.85 0.30
C ASN B 255 -31.59 16.82 -0.64
N THR B 256 -30.51 16.16 -0.21
CA THR B 256 -29.86 15.15 -1.03
C THR B 256 -30.88 14.08 -1.38
N ALA B 257 -31.67 13.69 -0.38
CA ALA B 257 -32.69 12.66 -0.52
C ALA B 257 -33.84 13.15 -1.41
N TRP B 258 -34.09 14.45 -1.39
CA TRP B 258 -35.14 15.05 -2.20
C TRP B 258 -34.68 15.07 -3.65
N MET B 259 -33.44 15.50 -3.84
CA MET B 259 -32.83 15.58 -5.16
C MET B 259 -32.79 14.20 -5.81
N ALA B 260 -32.38 13.21 -5.03
CA ALA B 260 -32.29 11.83 -5.50
C ALA B 260 -33.59 11.37 -6.14
N GLU B 261 -34.71 11.70 -5.51
CA GLU B 261 -36.02 11.32 -6.04
C GLU B 261 -36.34 12.16 -7.27
N GLN B 262 -36.18 13.47 -7.16
CA GLN B 262 -36.44 14.35 -8.30
C GLN B 262 -35.71 13.78 -9.51
N LEU B 263 -34.40 13.60 -9.38
CA LEU B 263 -33.59 13.05 -10.47
C LEU B 263 -34.14 11.72 -10.96
N ARG B 264 -34.69 10.93 -10.05
CA ARG B 264 -35.27 9.65 -10.41
C ARG B 264 -36.38 9.95 -11.42
N GLU B 265 -37.38 10.69 -10.95
CA GLU B 265 -38.54 11.07 -11.75
C GLU B 265 -38.17 11.91 -12.96
N ALA B 266 -36.93 12.37 -13.02
CA ALA B 266 -36.48 13.17 -14.15
C ALA B 266 -35.94 12.26 -15.25
N GLY B 267 -35.55 11.05 -14.87
CA GLY B 267 -35.02 10.10 -15.84
C GLY B 267 -33.58 9.72 -15.56
N ALA B 268 -32.96 10.43 -14.62
CA ALA B 268 -31.58 10.17 -14.23
C ALA B 268 -31.47 8.85 -13.47
N ASP B 269 -30.34 8.16 -13.65
CA ASP B 269 -30.10 6.89 -12.96
C ASP B 269 -29.41 7.11 -11.62
N VAL B 270 -30.20 7.07 -10.54
CA VAL B 270 -29.65 7.31 -9.20
C VAL B 270 -29.04 6.07 -8.57
N MET B 271 -27.72 6.04 -8.48
CA MET B 271 -27.00 4.90 -7.91
C MET B 271 -27.03 4.82 -6.39
N ARG B 272 -26.68 5.90 -5.71
CA ARG B 272 -26.65 5.87 -4.26
C ARG B 272 -26.79 7.25 -3.60
N GLN B 273 -27.60 7.29 -2.54
CA GLN B 273 -27.77 8.51 -1.78
C GLN B 273 -27.28 8.15 -0.38
N ASP B 274 -26.52 9.05 0.23
CA ASP B 274 -25.96 8.89 1.57
C ASP B 274 -25.65 10.30 2.08
N THR B 275 -26.08 10.60 3.30
CA THR B 275 -25.88 11.94 3.87
C THR B 275 -25.95 13.03 2.80
N ASN B 276 -24.96 13.93 2.76
CA ASN B 276 -25.02 15.03 1.78
C ASN B 276 -24.47 14.66 0.40
N MET B 277 -24.48 13.37 0.09
CA MET B 277 -23.99 12.91 -1.21
C MET B 277 -24.96 12.02 -1.99
N LEU B 278 -24.93 12.18 -3.31
CA LEU B 278 -25.78 11.43 -4.24
C LEU B 278 -24.93 11.06 -5.46
N PHE B 279 -25.21 9.90 -6.05
CA PHE B 279 -24.44 9.45 -7.21
C PHE B 279 -25.34 9.06 -8.39
N VAL B 280 -25.07 9.67 -9.53
CA VAL B 280 -25.81 9.45 -10.76
C VAL B 280 -24.91 8.87 -11.85
N ARG B 281 -25.30 7.72 -12.40
CA ARG B 281 -24.51 7.13 -13.48
C ARG B 281 -25.01 7.82 -14.74
N VAL B 282 -24.25 8.79 -15.23
CA VAL B 282 -24.64 9.55 -16.42
C VAL B 282 -24.12 8.94 -17.71
N GLY B 283 -23.08 8.12 -17.60
CA GLY B 283 -22.54 7.46 -18.79
C GLY B 283 -21.43 8.19 -19.52
N GLU B 284 -20.73 7.46 -20.40
CA GLU B 284 -19.61 8.06 -21.07
C GLU B 284 -19.91 8.98 -22.21
N GLU B 285 -21.08 8.79 -22.77
CA GLU B 285 -21.50 9.67 -23.82
C GLU B 285 -21.74 11.06 -23.21
N ASN B 286 -22.99 11.16 -22.74
CA ASN B 286 -23.58 12.33 -22.10
C ASN B 286 -22.81 12.98 -20.97
N ALA B 287 -21.66 12.41 -20.61
CA ALA B 287 -20.82 12.93 -19.52
C ALA B 287 -20.30 14.34 -19.77
N ALA B 288 -19.33 14.48 -20.66
CA ALA B 288 -18.74 15.77 -20.98
C ALA B 288 -19.80 16.79 -21.33
N ALA B 289 -20.73 16.41 -22.20
CA ALA B 289 -21.80 17.30 -22.62
C ALA B 289 -22.59 17.78 -21.41
N LEU B 290 -22.65 16.93 -20.39
CA LEU B 290 -23.38 17.26 -19.17
C LEU B 290 -22.70 18.41 -18.43
N GLY B 291 -21.39 18.31 -18.26
CA GLY B 291 -20.65 19.35 -17.58
C GLY B 291 -20.81 20.67 -18.32
N GLU B 292 -20.69 20.61 -19.63
CA GLU B 292 -20.82 21.80 -20.47
C GLU B 292 -22.25 22.36 -20.41
N TYR B 293 -23.22 21.47 -20.52
CA TYR B 293 -24.62 21.88 -20.48
C TYR B 293 -24.95 22.54 -19.14
N MET B 294 -24.40 21.99 -18.06
CA MET B 294 -24.66 22.54 -16.73
C MET B 294 -23.86 23.81 -16.46
N LYS B 295 -22.59 23.79 -16.84
CA LYS B 295 -21.70 24.93 -16.65
C LYS B 295 -22.28 26.20 -17.28
N ALA B 296 -23.12 26.01 -18.29
CA ALA B 296 -23.73 27.13 -18.99
C ALA B 296 -24.75 27.88 -18.14
N ARG B 297 -25.50 27.16 -17.30
CA ARG B 297 -26.49 27.77 -16.45
C ARG B 297 -25.91 28.10 -15.08
N ASN B 298 -24.58 28.07 -15.01
CA ASN B 298 -23.88 28.35 -13.77
C ASN B 298 -24.00 27.21 -12.75
N VAL B 299 -24.31 26.01 -13.24
CA VAL B 299 -24.42 24.83 -12.40
C VAL B 299 -23.12 24.04 -12.54
N LEU B 300 -22.38 23.94 -11.44
CA LEU B 300 -21.09 23.26 -11.46
C LEU B 300 -21.05 21.90 -10.77
N ILE B 301 -20.74 20.87 -11.55
CA ILE B 301 -20.63 19.51 -11.04
C ILE B 301 -19.37 18.93 -11.68
N ASN B 302 -18.94 17.77 -11.20
CA ASN B 302 -17.75 17.13 -11.75
C ASN B 302 -18.16 16.12 -12.82
N ALA B 303 -18.21 16.56 -14.07
CA ALA B 303 -18.57 15.69 -15.18
C ALA B 303 -17.81 14.36 -15.07
N SER B 304 -18.50 13.27 -15.37
CA SER B 304 -17.91 11.93 -15.28
C SER B 304 -18.99 10.88 -15.54
N PRO B 305 -18.58 9.65 -15.90
CA PRO B 305 -19.57 8.61 -16.16
C PRO B 305 -20.53 8.49 -14.97
N ILE B 306 -19.94 8.63 -13.78
CA ILE B 306 -20.67 8.60 -12.52
C ILE B 306 -20.39 9.94 -11.85
N VAL B 307 -21.43 10.71 -11.63
CA VAL B 307 -21.30 12.01 -11.01
C VAL B 307 -21.63 12.00 -9.52
N ARG B 308 -20.82 12.68 -8.72
CA ARG B 308 -21.04 12.77 -7.29
C ARG B 308 -21.50 14.19 -7.01
N LEU B 309 -22.77 14.35 -6.62
CA LEU B 309 -23.32 15.66 -6.29
C LEU B 309 -23.28 15.79 -4.77
N VAL B 310 -22.75 16.91 -4.28
CA VAL B 310 -22.66 17.16 -2.83
C VAL B 310 -23.44 18.42 -2.42
N THR B 311 -24.30 18.28 -1.42
CA THR B 311 -25.12 19.39 -0.92
C THR B 311 -24.53 20.04 0.33
N HIS B 312 -24.75 21.34 0.49
CA HIS B 312 -24.22 22.06 1.63
C HIS B 312 -25.08 23.29 1.93
N LEU B 313 -24.72 24.03 2.98
CA LEU B 313 -25.48 25.20 3.39
C LEU B 313 -25.60 26.30 2.33
N ASP B 314 -24.79 26.23 1.29
CA ASP B 314 -24.86 27.25 0.25
C ASP B 314 -25.64 26.80 -0.98
N VAL B 315 -26.49 25.78 -0.80
CA VAL B 315 -27.32 25.28 -1.89
C VAL B 315 -28.70 24.89 -1.34
N SER B 316 -29.70 25.71 -1.66
CA SER B 316 -31.08 25.49 -1.22
C SER B 316 -31.77 24.44 -2.08
N ARG B 317 -32.97 24.04 -1.67
CA ARG B 317 -33.73 23.06 -2.42
C ARG B 317 -34.28 23.70 -3.68
N ALA B 318 -34.64 24.97 -3.57
CA ALA B 318 -35.16 25.72 -4.70
C ALA B 318 -34.09 25.66 -5.80
N GLN B 319 -32.83 25.84 -5.40
CA GLN B 319 -31.73 25.77 -6.35
C GLN B 319 -31.64 24.35 -6.88
N LEU B 320 -31.85 23.37 -6.01
CA LEU B 320 -31.81 21.98 -6.42
C LEU B 320 -32.92 21.69 -7.42
N ALA B 321 -34.11 22.23 -7.16
CA ALA B 321 -35.25 22.04 -8.06
C ALA B 321 -34.88 22.55 -9.46
N GLU B 322 -34.19 23.69 -9.48
CA GLU B 322 -33.76 24.30 -10.73
C GLU B 322 -32.74 23.41 -11.43
N VAL B 323 -31.80 22.88 -10.66
CA VAL B 323 -30.78 22.00 -11.23
C VAL B 323 -31.50 20.80 -11.84
N ALA B 324 -32.53 20.32 -11.14
CA ALA B 324 -33.31 19.18 -11.58
C ALA B 324 -33.98 19.47 -12.92
N ALA B 325 -34.59 20.64 -13.04
CA ALA B 325 -35.24 21.02 -14.28
C ALA B 325 -34.23 20.88 -15.42
N HIS B 326 -33.03 21.41 -15.19
CA HIS B 326 -31.97 21.36 -16.18
C HIS B 326 -31.53 19.95 -16.51
N TRP B 327 -31.60 19.05 -15.53
CA TRP B 327 -31.18 17.67 -15.76
C TRP B 327 -32.27 16.95 -16.56
N ARG B 328 -33.53 17.25 -16.23
CA ARG B 328 -34.66 16.64 -16.91
C ARG B 328 -34.72 17.13 -18.36
N ALA B 329 -34.26 18.36 -18.57
CA ALA B 329 -34.24 18.98 -19.89
C ALA B 329 -33.06 18.51 -20.73
N PHE B 330 -32.04 17.97 -20.08
CA PHE B 330 -30.84 17.48 -20.76
C PHE B 330 -31.21 16.27 -21.60
N LEU B 331 -32.44 15.79 -21.45
CA LEU B 331 -32.93 14.64 -22.19
C LEU B 331 -33.92 15.08 -23.28
#